data_8SRU
#
_entry.id   8SRU
#
_cell.length_a   64.660
_cell.length_b   96.738
_cell.length_c   94.287
_cell.angle_alpha   90.000
_cell.angle_beta   93.090
_cell.angle_gamma   90.000
#
_symmetry.space_group_name_H-M   'P 1 21 1'
#
loop_
_entity.id
_entity.type
_entity.pdbx_description
1 polymer 'Cysteine synthase'
2 polymer 'Serine acetyltransferase (CysE) derived peptide'
3 water water
#
loop_
_entity_poly.entity_id
_entity_poly.type
_entity_poly.pdbx_seq_one_letter_code
_entity_poly.pdbx_strand_id
1 'polypeptide(L)'
;MGHHHHHHMAQKPVDNITQIIGGTPVVKLRNVVDDNAADVYVKLEYQNPGGSV(LLP)DRIALAMIEKAEREGKIKPGDT
IVEPTSGNTGIGLAFVCAAKGYKAVFTMPETMSQERRNLLKAYGAELVLTPGSEAMKGAIKKAKELKEEHGYFEPQQFEN
PANPEVHELTTGPELLQQFEGKTIDAFLAGVGTGGTLSGVGKVLKKEYPNIEIVAIEPEASPVLSGGEPGPHKLQGLGAG
FIPGTLNTEIYDSIIKVGNDTAMEMSRRVAKEEGILAGISSGAAIYAAIQKAKELGKGKTVVTVLPSNGERYLSTPLYSF
DD
;
A,B,C,D
2 'polypeptide(L)' NGEIQDDYII H,E,F,G
#
# COMPACT_ATOMS: atom_id res chain seq x y z
N ALA A 10 -15.67 15.18 -10.05
CA ALA A 10 -15.85 14.98 -8.61
C ALA A 10 -15.57 13.52 -8.14
N GLN A 11 -14.86 13.39 -7.01
CA GLN A 11 -14.42 12.09 -6.48
C GLN A 11 -15.62 11.26 -6.04
N LYS A 12 -15.59 9.95 -6.32
CA LYS A 12 -16.62 9.06 -5.79
C LYS A 12 -16.61 9.11 -4.25
N PRO A 13 -17.74 8.82 -3.60
CA PRO A 13 -17.79 8.92 -2.13
C PRO A 13 -16.72 8.08 -1.46
N VAL A 14 -16.20 8.59 -0.34
CA VAL A 14 -15.21 7.92 0.47
C VAL A 14 -15.79 7.70 1.87
N ASP A 15 -15.28 6.68 2.58
CA ASP A 15 -15.74 6.42 3.93
C ASP A 15 -15.06 7.27 4.99
N ASN A 16 -13.94 7.95 4.67
CA ASN A 16 -13.20 8.67 5.69
C ASN A 16 -12.60 9.90 5.03
N ILE A 17 -12.78 11.05 5.68
CA ILE A 17 -12.25 12.31 5.16
C ILE A 17 -10.75 12.24 4.89
N THR A 18 -10.00 11.38 5.58
CA THR A 18 -8.57 11.36 5.26
C THR A 18 -8.31 10.83 3.85
N GLN A 19 -9.28 10.17 3.23
CA GLN A 19 -9.05 9.71 1.87
C GLN A 19 -9.07 10.85 0.86
N ILE A 20 -9.45 12.07 1.25
CA ILE A 20 -9.36 13.17 0.30
C ILE A 20 -8.12 14.04 0.50
N ILE A 21 -7.26 13.73 1.47
CA ILE A 21 -5.97 14.45 1.60
C ILE A 21 -5.16 14.25 0.34
N GLY A 22 -4.57 15.35 -0.16
CA GLY A 22 -3.72 15.29 -1.36
C GLY A 22 -4.50 15.65 -2.62
N GLY A 23 -3.79 15.45 -3.74
CA GLY A 23 -4.37 15.78 -5.05
C GLY A 23 -4.72 17.24 -5.22
N THR A 24 -3.83 18.16 -4.75
CA THR A 24 -4.11 19.58 -4.64
C THR A 24 -3.87 20.28 -6.00
N PRO A 25 -4.61 21.33 -6.27
CA PRO A 25 -4.55 21.95 -7.61
C PRO A 25 -3.39 22.93 -7.68
N VAL A 26 -3.09 23.33 -8.94
CA VAL A 26 -2.01 24.27 -9.23
C VAL A 26 -2.53 25.40 -10.08
N VAL A 27 -2.22 26.67 -9.72
CA VAL A 27 -2.71 27.84 -10.48
C VAL A 27 -1.51 28.64 -10.98
N LYS A 28 -1.61 29.13 -12.22
CA LYS A 28 -0.59 30.03 -12.74
C LYS A 28 -0.88 31.46 -12.30
N LEU A 29 0.17 32.19 -11.95
CA LEU A 29 0.02 33.58 -11.53
C LEU A 29 -0.06 34.43 -12.82
N ARG A 30 -0.88 35.48 -12.75
CA ARG A 30 -1.13 36.31 -13.94
C ARG A 30 -0.67 37.76 -13.82
N ASN A 31 -0.74 38.36 -12.63
CA ASN A 31 -0.61 39.81 -12.43
C ASN A 31 0.56 40.24 -11.57
N VAL A 32 0.92 39.50 -10.49
CA VAL A 32 2.05 39.90 -9.66
C VAL A 32 3.39 39.57 -10.29
N VAL A 33 3.43 38.88 -11.42
CA VAL A 33 4.70 38.66 -12.11
C VAL A 33 4.54 39.17 -13.54
N ASP A 34 5.62 39.73 -14.08
CA ASP A 34 5.61 40.39 -15.38
C ASP A 34 5.69 39.38 -16.53
N ASP A 35 5.24 39.84 -17.71
CA ASP A 35 5.34 39.03 -18.92
C ASP A 35 6.78 38.82 -19.38
N ASN A 36 7.73 39.60 -18.85
CA ASN A 36 9.14 39.40 -19.15
C ASN A 36 9.78 38.28 -18.34
N ALA A 37 9.14 37.80 -17.28
CA ALA A 37 9.73 36.78 -16.42
C ALA A 37 9.17 35.41 -16.75
N ALA A 38 9.74 34.38 -16.11
CA ALA A 38 9.23 33.03 -16.26
C ALA A 38 7.78 32.92 -15.75
N ASP A 39 7.11 31.90 -16.24
CA ASP A 39 5.80 31.55 -15.69
C ASP A 39 5.98 31.05 -14.25
N VAL A 40 5.09 31.47 -13.33
CA VAL A 40 5.13 31.05 -11.93
C VAL A 40 3.80 30.34 -11.62
N TYR A 41 3.91 29.11 -11.10
CA TYR A 41 2.77 28.28 -10.72
C TYR A 41 2.84 28.00 -9.22
N VAL A 42 1.66 27.93 -8.58
CA VAL A 42 1.55 27.75 -7.13
C VAL A 42 0.65 26.55 -6.85
N LYS A 43 1.13 25.65 -6.01
CA LYS A 43 0.37 24.45 -5.61
C LYS A 43 -0.36 24.78 -4.33
N LEU A 44 -1.71 24.60 -4.35
CA LEU A 44 -2.55 25.10 -3.22
C LEU A 44 -2.70 23.99 -2.19
N GLU A 45 -1.77 23.97 -1.26
CA GLU A 45 -1.84 22.94 -0.25
C GLU A 45 -2.87 23.25 0.82
N TYR A 46 -3.39 24.45 0.87
CA TYR A 46 -4.53 24.69 1.74
C TYR A 46 -5.84 24.09 1.20
N GLN A 47 -5.85 23.48 0.03
CA GLN A 47 -7.05 22.81 -0.42
C GLN A 47 -7.15 21.42 0.20
N ASN A 48 -6.14 20.94 0.90
CA ASN A 48 -6.36 19.75 1.70
C ASN A 48 -7.48 19.98 2.72
N PRO A 49 -8.17 18.91 3.12
CA PRO A 49 -9.44 19.11 3.86
C PRO A 49 -9.25 19.71 5.21
N GLY A 50 -8.11 19.52 5.83
CA GLY A 50 -7.80 20.19 7.08
C GLY A 50 -7.19 21.57 6.95
N GLY A 51 -6.91 22.05 5.75
CA GLY A 51 -6.51 23.43 5.57
C GLY A 51 -5.03 23.72 5.36
N SER A 52 -4.15 22.71 5.38
CA SER A 52 -2.74 23.02 5.15
C SER A 52 -2.00 21.79 4.64
N VAL A 53 -0.75 22.04 4.20
CA VAL A 53 0.14 20.96 3.82
C VAL A 53 0.30 19.90 4.90
N1 LLP A 54 4.47 27.30 5.85
C2 LLP A 54 3.54 26.85 6.65
C2' LLP A 54 2.37 27.82 6.89
C3 LLP A 54 3.58 25.52 7.18
O3 LLP A 54 2.56 25.06 7.88
C4 LLP A 54 4.69 24.71 6.96
C4' LLP A 54 4.82 23.23 7.52
C5 LLP A 54 5.67 25.19 6.12
C6 LLP A 54 5.58 26.48 5.57
C5' LLP A 54 6.94 24.32 5.82
OP4 LLP A 54 6.68 23.04 5.33
P LLP A 54 7.73 21.96 5.75
OP1 LLP A 54 7.52 21.61 7.23
OP2 LLP A 54 9.14 22.53 5.50
OP3 LLP A 54 7.44 20.84 4.90
N LLP A 54 0.19 20.32 6.15
CA LLP A 54 0.44 19.38 7.26
CB LLP A 54 0.56 20.15 8.58
CG LLP A 54 1.72 21.18 8.63
CD LLP A 54 3.08 20.53 8.37
CE LLP A 54 4.21 21.48 8.88
NZ LLP A 54 3.92 22.89 8.53
C LLP A 54 -0.57 18.29 7.37
O LLP A 54 -0.25 17.27 8.03
N ASP A 55 -1.71 18.34 6.68
CA ASP A 55 -2.59 17.15 6.62
C ASP A 55 -1.77 15.98 6.13
N ARG A 56 -0.88 16.21 5.12
CA ARG A 56 -0.19 15.07 4.52
C ARG A 56 0.69 14.36 5.54
N ILE A 57 1.50 15.12 6.31
CA ILE A 57 2.48 14.47 7.19
C ILE A 57 1.76 13.93 8.42
N ALA A 58 0.66 14.56 8.84
CA ALA A 58 -0.11 14.01 9.95
C ALA A 58 -0.70 12.65 9.60
N LEU A 59 -1.31 12.53 8.43
CA LEU A 59 -1.78 11.21 7.99
C LEU A 59 -0.62 10.23 7.84
N ALA A 60 0.49 10.65 7.21
CA ALA A 60 1.54 9.67 6.95
C ALA A 60 2.17 9.15 8.24
N MET A 61 2.37 10.02 9.24
CA MET A 61 3.09 9.61 10.45
C MET A 61 2.18 8.66 11.23
N ILE A 62 0.88 8.99 11.30
CA ILE A 62 -0.07 8.10 12.01
C ILE A 62 -0.18 6.76 11.27
N GLU A 63 -0.28 6.77 9.94
CA GLU A 63 -0.45 5.51 9.22
C GLU A 63 0.80 4.63 9.28
N LYS A 64 1.98 5.24 9.29
CA LYS A 64 3.20 4.44 9.40
C LYS A 64 3.30 3.82 10.78
N ALA A 65 2.94 4.58 11.82
CA ALA A 65 3.08 4.01 13.15
C ALA A 65 2.06 2.90 13.35
N GLU A 66 0.89 3.03 12.74
CA GLU A 66 -0.14 1.99 12.80
C GLU A 66 0.34 0.73 12.08
N ARG A 67 0.94 0.91 10.90
CA ARG A 67 1.42 -0.18 10.08
C ARG A 67 2.60 -0.87 10.74
N GLU A 68 3.40 -0.15 11.55
CA GLU A 68 4.49 -0.74 12.30
C GLU A 68 4.07 -1.25 13.68
N GLY A 69 2.78 -1.19 14.00
CA GLY A 69 2.29 -1.63 15.29
C GLY A 69 2.68 -0.76 16.47
N LYS A 70 3.23 0.43 16.23
CA LYS A 70 3.59 1.30 17.33
C LYS A 70 2.38 1.93 17.99
N ILE A 71 1.27 2.08 17.26
CA ILE A 71 0.03 2.58 17.82
C ILE A 71 -1.10 1.78 17.21
N LYS A 72 -2.24 1.83 17.87
CA LYS A 72 -3.47 1.21 17.43
C LYS A 72 -4.61 2.16 17.71
N PRO A 73 -5.71 2.10 16.95
CA PRO A 73 -6.78 3.07 17.16
C PRO A 73 -7.22 3.12 18.61
N GLY A 74 -7.51 4.31 19.10
CA GLY A 74 -7.77 4.55 20.51
C GLY A 74 -6.57 5.08 21.29
N ASP A 75 -5.35 4.91 20.77
CA ASP A 75 -4.14 5.32 21.49
C ASP A 75 -4.04 6.84 21.50
N THR A 76 -3.22 7.35 22.42
CA THR A 76 -2.96 8.78 22.55
C THR A 76 -1.56 9.10 22.02
N ILE A 77 -1.47 10.18 21.21
CA ILE A 77 -0.19 10.67 20.73
C ILE A 77 0.09 12.02 21.39
N VAL A 78 1.38 12.46 21.38
CA VAL A 78 1.75 13.78 21.90
C VAL A 78 2.69 14.44 20.89
N GLU A 79 2.60 15.77 20.74
CA GLU A 79 3.52 16.51 19.83
C GLU A 79 3.63 17.94 20.32
N PRO A 80 4.85 18.52 20.41
CA PRO A 80 5.02 19.94 20.74
C PRO A 80 4.88 20.77 19.47
N THR A 81 3.81 21.55 19.41
CA THR A 81 3.52 22.35 18.22
C THR A 81 2.52 23.43 18.53
N SER A 82 2.83 24.65 18.07
CA SER A 82 1.92 25.77 18.13
C SER A 82 1.33 26.12 16.76
N GLY A 83 1.57 25.28 15.73
CA GLY A 83 1.29 25.67 14.37
C GLY A 83 0.38 24.68 13.63
N ASN A 84 0.55 24.68 12.30
CA ASN A 84 -0.28 23.85 11.43
C ASN A 84 -0.10 22.35 11.64
N THR A 85 1.04 21.89 12.18
CA THR A 85 1.14 20.47 12.41
C THR A 85 0.16 20.03 13.50
N GLY A 86 -0.01 20.85 14.56
CA GLY A 86 -1.01 20.54 15.59
C GLY A 86 -2.41 20.46 15.01
N ILE A 87 -2.74 21.40 14.13
CA ILE A 87 -4.07 21.34 13.51
C ILE A 87 -4.21 20.06 12.68
N GLY A 88 -3.17 19.75 11.87
CA GLY A 88 -3.16 18.53 11.07
C GLY A 88 -3.32 17.26 11.88
N LEU A 89 -2.53 17.13 12.96
CA LEU A 89 -2.61 15.94 13.81
C LEU A 89 -3.95 15.88 14.55
N ALA A 90 -4.48 17.02 14.98
CA ALA A 90 -5.79 17.01 15.63
C ALA A 90 -6.84 16.51 14.66
N PHE A 91 -6.80 17.01 13.42
CA PHE A 91 -7.77 16.60 12.39
C PHE A 91 -7.65 15.10 12.09
N VAL A 92 -6.42 14.65 11.85
CA VAL A 92 -6.24 13.26 11.49
C VAL A 92 -6.61 12.35 12.64
N CYS A 93 -6.26 12.75 13.86
CA CYS A 93 -6.58 11.88 15.00
C CYS A 93 -8.09 11.76 15.16
N ALA A 94 -8.82 12.85 15.00
CA ALA A 94 -10.28 12.74 15.07
C ALA A 94 -10.82 11.84 13.95
N ALA A 95 -10.29 11.95 12.75
CA ALA A 95 -10.81 11.15 11.64
C ALA A 95 -10.50 9.66 11.77
N LYS A 96 -9.37 9.32 12.36
CA LYS A 96 -8.86 7.94 12.43
C LYS A 96 -9.07 7.28 13.78
N GLY A 97 -9.58 8.00 14.77
CA GLY A 97 -9.91 7.34 16.01
C GLY A 97 -8.80 7.33 17.02
N TYR A 98 -7.94 8.34 17.00
CA TYR A 98 -6.85 8.49 17.95
C TYR A 98 -7.11 9.69 18.84
N LYS A 99 -6.38 9.77 19.98
CA LYS A 99 -6.46 10.89 20.90
C LYS A 99 -5.17 11.68 20.82
N ALA A 100 -5.26 13.01 20.81
CA ALA A 100 -4.08 13.82 20.61
C ALA A 100 -3.90 14.75 21.80
N VAL A 101 -2.66 14.86 22.28
CA VAL A 101 -2.24 15.83 23.28
C VAL A 101 -1.18 16.72 22.63
N PHE A 102 -1.33 18.04 22.78
CA PHE A 102 -0.34 18.96 22.26
C PHE A 102 0.22 19.80 23.40
N THR A 103 1.53 20.00 23.37
CA THR A 103 2.17 21.00 24.21
C THR A 103 2.54 22.23 23.41
N MET A 104 2.46 23.39 24.07
CA MET A 104 2.72 24.65 23.39
C MET A 104 2.84 25.78 24.39
N PRO A 105 3.60 26.83 24.08
CA PRO A 105 3.65 27.99 24.99
C PRO A 105 2.28 28.61 25.13
N GLU A 106 2.05 29.24 26.29
CA GLU A 106 0.75 29.83 26.62
C GLU A 106 0.44 31.07 25.81
N THR A 107 1.31 31.50 24.91
CA THR A 107 1.07 32.64 24.03
C THR A 107 0.23 32.32 22.80
N MET A 108 -0.40 31.14 22.74
CA MET A 108 -1.14 30.76 21.53
C MET A 108 -2.56 31.28 21.63
N SER A 109 -3.12 31.71 20.49
CA SER A 109 -4.38 32.46 20.53
C SER A 109 -5.55 31.59 20.99
N GLN A 110 -6.54 32.26 21.57
CA GLN A 110 -7.73 31.56 22.02
C GLN A 110 -8.46 30.89 20.86
N GLU A 111 -8.47 31.51 19.68
CA GLU A 111 -9.11 30.90 18.51
C GLU A 111 -8.36 29.66 18.04
N ARG A 112 -7.02 29.70 18.08
CA ARG A 112 -6.20 28.55 17.71
C ARG A 112 -6.41 27.39 18.67
N ARG A 113 -6.50 27.70 19.96
CA ARG A 113 -6.84 26.69 20.96
C ARG A 113 -8.20 26.09 20.69
N ASN A 114 -9.17 26.96 20.36
CA ASN A 114 -10.53 26.50 20.06
C ASN A 114 -10.56 25.53 18.89
N LEU A 115 -9.73 25.79 17.87
CA LEU A 115 -9.64 24.89 16.71
C LEU A 115 -9.14 23.49 17.09
N LEU A 116 -8.04 23.43 17.90
CA LEU A 116 -7.56 22.10 18.31
C LEU A 116 -8.56 21.40 19.18
N LYS A 117 -9.16 22.14 20.11
CA LYS A 117 -10.13 21.50 20.98
C LYS A 117 -11.41 21.10 20.24
N ALA A 118 -11.71 21.75 19.09
CA ALA A 118 -12.92 21.39 18.33
C ALA A 118 -12.79 20.01 17.73
N TYR A 119 -11.55 19.59 17.47
CA TYR A 119 -11.29 18.23 17.05
C TYR A 119 -11.13 17.25 18.20
N GLY A 120 -11.29 17.73 19.43
CA GLY A 120 -11.17 16.81 20.57
C GLY A 120 -9.78 16.68 21.19
N ALA A 121 -8.79 17.47 20.75
CA ALA A 121 -7.46 17.35 21.31
C ALA A 121 -7.41 17.96 22.70
N GLU A 122 -6.44 17.47 23.49
CA GLU A 122 -6.11 18.04 24.80
C GLU A 122 -4.87 18.93 24.71
N LEU A 123 -4.88 20.07 25.37
CA LEU A 123 -3.76 20.98 25.34
C LEU A 123 -3.06 21.02 26.70
N VAL A 124 -1.72 21.11 26.65
CA VAL A 124 -0.86 21.30 27.84
C VAL A 124 -0.02 22.52 27.55
N LEU A 125 -0.30 23.61 28.25
CA LEU A 125 0.31 24.89 27.96
C LEU A 125 1.58 24.99 28.81
N THR A 126 2.67 25.49 28.20
CA THR A 126 3.93 25.63 28.90
C THR A 126 4.28 27.10 29.03
N PRO A 127 5.23 27.48 29.90
CA PRO A 127 5.50 28.90 30.15
C PRO A 127 5.86 29.69 28.90
N GLY A 128 5.25 30.86 28.75
CA GLY A 128 5.52 31.67 27.58
C GLY A 128 6.98 32.06 27.45
N SER A 129 7.64 32.30 28.57
CA SER A 129 9.04 32.73 28.53
C SER A 129 9.96 31.64 28.01
N GLU A 130 9.52 30.39 28.05
CA GLU A 130 10.30 29.24 27.63
C GLU A 130 10.03 28.84 26.17
N ALA A 131 9.01 29.45 25.54
CA ALA A 131 8.74 29.31 24.11
C ALA A 131 8.71 27.86 23.68
N MET A 132 9.24 27.54 22.51
CA MET A 132 9.19 26.13 22.11
C MET A 132 10.07 25.22 22.93
N LYS A 133 11.21 25.69 23.47
CA LYS A 133 12.00 24.79 24.32
C LYS A 133 11.15 24.18 25.43
N GLY A 134 10.31 24.99 26.08
CA GLY A 134 9.50 24.48 27.18
C GLY A 134 8.49 23.45 26.70
N ALA A 135 7.93 23.68 25.52
CA ALA A 135 6.94 22.76 25.01
C ALA A 135 7.59 21.43 24.63
N ILE A 136 8.77 21.49 24.00
CA ILE A 136 9.50 20.26 23.67
C ILE A 136 9.84 19.48 24.90
N LYS A 137 10.40 20.16 25.90
CA LYS A 137 10.75 19.50 27.17
C LYS A 137 9.54 18.80 27.80
N LYS A 138 8.42 19.50 27.88
CA LYS A 138 7.22 18.93 28.45
C LYS A 138 6.69 17.76 27.62
N ALA A 139 6.70 17.86 26.27
CA ALA A 139 6.24 16.70 25.50
C ALA A 139 7.12 15.48 25.74
N LYS A 140 8.44 15.66 25.85
CA LYS A 140 9.29 14.50 26.12
C LYS A 140 8.99 13.92 27.50
N GLU A 141 8.78 14.79 28.47
CA GLU A 141 8.41 14.32 29.81
C GLU A 141 7.10 13.53 29.78
N LEU A 142 6.11 14.04 29.04
CA LEU A 142 4.84 13.35 29.00
C LEU A 142 4.96 12.03 28.28
N LYS A 143 5.74 12.00 27.19
CA LYS A 143 6.00 10.75 26.47
C LYS A 143 6.57 9.68 27.37
N GLU A 144 7.61 10.04 28.16
CA GLU A 144 8.25 9.05 29.01
C GLU A 144 7.39 8.65 30.21
N GLU A 145 6.62 9.58 30.78
CA GLU A 145 5.76 9.26 31.93
C GLU A 145 4.59 8.40 31.53
N HIS A 146 3.98 8.69 30.37
CA HIS A 146 2.71 8.11 30.03
C HIS A 146 2.73 7.11 28.86
N GLY A 147 3.86 6.91 28.16
CA GLY A 147 3.85 5.97 27.04
C GLY A 147 3.21 6.52 25.76
N TYR A 148 3.00 7.81 25.71
CA TYR A 148 2.45 8.42 24.50
C TYR A 148 3.36 8.17 23.31
N PHE A 149 2.75 8.00 22.14
CA PHE A 149 3.54 8.04 20.90
C PHE A 149 3.79 9.48 20.46
N GLU A 150 5.05 9.82 20.13
CA GLU A 150 5.40 11.17 19.62
C GLU A 150 5.72 11.07 18.14
N PRO A 151 4.89 11.67 17.26
CA PRO A 151 5.23 11.63 15.82
C PRO A 151 6.62 12.16 15.48
N GLN A 152 7.04 13.25 16.11
CA GLN A 152 8.34 13.93 15.97
C GLN A 152 8.52 14.45 14.55
N GLN A 153 7.82 15.54 14.25
CA GLN A 153 7.77 15.99 12.84
C GLN A 153 9.13 16.43 12.31
N PHE A 154 10.09 16.77 13.18
CA PHE A 154 11.38 17.23 12.68
C PHE A 154 12.37 16.06 12.50
N GLU A 155 12.00 14.83 12.87
N GLU A 155 11.97 14.83 12.84
CA GLU A 155 12.86 13.66 12.71
CA GLU A 155 12.85 13.66 12.76
C GLU A 155 12.22 12.50 11.95
C GLU A 155 12.23 12.45 12.09
N ASN A 156 10.91 12.40 11.91
CA ASN A 156 10.30 11.22 11.38
C ASN A 156 10.46 11.14 9.87
N PRO A 157 11.06 10.08 9.32
CA PRO A 157 11.28 10.03 7.85
C PRO A 157 9.99 9.91 7.05
N ALA A 158 8.86 9.58 7.69
CA ALA A 158 7.64 9.53 6.96
C ALA A 158 7.22 10.90 6.47
N ASN A 159 7.73 11.97 7.09
CA ASN A 159 7.45 13.36 6.71
C ASN A 159 8.03 13.59 5.30
N PRO A 160 9.35 13.63 5.09
CA PRO A 160 9.80 13.80 3.69
C PRO A 160 9.35 12.68 2.77
N GLU A 161 9.16 11.45 3.26
CA GLU A 161 8.73 10.35 2.41
C GLU A 161 7.32 10.57 1.86
N VAL A 162 6.40 11.15 2.63
CA VAL A 162 5.09 11.30 2.03
C VAL A 162 5.13 12.32 0.89
N HIS A 163 5.98 13.34 0.99
CA HIS A 163 6.13 14.31 -0.11
C HIS A 163 6.81 13.66 -1.34
N GLU A 164 7.66 12.68 -1.09
CA GLU A 164 8.30 11.94 -2.18
C GLU A 164 7.30 11.03 -2.88
N LEU A 165 6.30 10.55 -2.16
CA LEU A 165 5.34 9.62 -2.73
C LEU A 165 4.09 10.29 -3.29
N THR A 166 3.68 11.43 -2.70
CA THR A 166 2.42 12.04 -3.09
C THR A 166 2.64 13.44 -3.67
N THR A 167 3.07 14.43 -2.88
CA THR A 167 3.12 15.82 -3.37
C THR A 167 3.99 15.95 -4.63
N GLY A 168 5.18 15.35 -4.58
CA GLY A 168 6.11 15.44 -5.69
C GLY A 168 5.56 14.82 -6.96
N PRO A 169 5.18 13.56 -6.88
CA PRO A 169 4.60 12.90 -8.05
C PRO A 169 3.32 13.54 -8.56
N GLU A 170 2.51 14.15 -7.70
CA GLU A 170 1.41 14.96 -8.21
C GLU A 170 1.92 16.04 -9.14
N LEU A 171 2.95 16.76 -8.69
CA LEU A 171 3.54 17.80 -9.55
C LEU A 171 4.04 17.20 -10.86
N LEU A 172 4.65 16.00 -10.82
CA LEU A 172 5.12 15.42 -12.09
C LEU A 172 3.95 15.15 -13.03
N GLN A 173 2.83 14.66 -12.49
CA GLN A 173 1.65 14.51 -13.33
C GLN A 173 1.12 15.86 -13.82
N GLN A 174 1.14 16.88 -12.96
CA GLN A 174 0.57 18.16 -13.35
C GLN A 174 1.41 18.87 -14.43
N PHE A 175 2.70 18.56 -14.50
CA PHE A 175 3.59 19.25 -15.41
C PHE A 175 4.10 18.36 -16.52
N GLU A 176 3.42 17.25 -16.77
CA GLU A 176 3.79 16.38 -17.88
C GLU A 176 3.79 17.15 -19.20
N GLY A 177 4.82 16.92 -20.03
CA GLY A 177 4.97 17.69 -21.24
C GLY A 177 5.47 19.10 -21.03
N LYS A 178 5.83 19.45 -19.79
CA LYS A 178 6.47 20.69 -19.47
C LYS A 178 7.72 20.35 -18.66
N THR A 179 8.68 21.24 -18.71
CA THR A 179 9.89 21.20 -17.89
C THR A 179 9.71 22.17 -16.75
N ILE A 180 9.90 21.70 -15.50
CA ILE A 180 10.04 22.66 -14.41
C ILE A 180 11.49 23.08 -14.33
N ASP A 181 11.74 24.40 -14.38
CA ASP A 181 13.10 24.90 -14.34
C ASP A 181 13.55 25.25 -12.94
N ALA A 182 12.61 25.61 -12.03
CA ALA A 182 13.00 25.85 -10.65
C ALA A 182 11.80 25.52 -9.75
N PHE A 183 12.09 24.86 -8.63
CA PHE A 183 11.11 24.58 -7.57
C PHE A 183 11.64 25.20 -6.30
N LEU A 184 10.82 25.99 -5.62
CA LEU A 184 11.19 26.72 -4.42
C LEU A 184 10.16 26.35 -3.34
N ALA A 185 10.65 26.20 -2.12
CA ALA A 185 9.74 25.96 -0.99
C ALA A 185 10.33 26.51 0.30
N GLY A 186 9.47 27.15 1.09
CA GLY A 186 9.82 27.51 2.45
C GLY A 186 10.16 26.27 3.26
N VAL A 187 11.15 26.40 4.13
CA VAL A 187 11.56 25.29 5.00
C VAL A 187 11.05 25.53 6.43
N GLY A 188 10.20 24.60 6.93
CA GLY A 188 9.82 24.56 8.33
C GLY A 188 10.50 23.30 8.88
N THR A 189 9.89 22.13 8.65
CA THR A 189 10.55 20.85 8.85
C THR A 189 11.49 20.53 7.70
N GLY A 190 11.28 21.15 6.53
CA GLY A 190 12.08 20.73 5.39
C GLY A 190 11.55 19.51 4.67
N GLY A 191 10.45 18.92 5.11
CA GLY A 191 9.97 17.71 4.48
C GLY A 191 9.44 17.98 3.09
N THR A 192 8.74 19.10 2.89
CA THR A 192 8.23 19.46 1.57
C THR A 192 9.38 19.63 0.59
N LEU A 193 10.31 20.54 0.93
CA LEU A 193 11.43 20.76 0.01
C LEU A 193 12.19 19.46 -0.26
N SER A 194 12.41 18.66 0.80
CA SER A 194 13.29 17.50 0.64
C SER A 194 12.63 16.43 -0.21
N GLY A 195 11.38 16.10 0.07
CA GLY A 195 10.74 15.05 -0.69
C GLY A 195 10.29 15.45 -2.07
N VAL A 196 9.67 16.63 -2.20
CA VAL A 196 9.38 17.12 -3.54
C VAL A 196 10.66 17.29 -4.33
N GLY A 197 11.67 17.88 -3.72
CA GLY A 197 12.92 18.16 -4.46
C GLY A 197 13.58 16.90 -4.97
N LYS A 198 13.60 15.85 -4.16
CA LYS A 198 14.18 14.58 -4.61
C LYS A 198 13.48 14.05 -5.86
N VAL A 199 12.15 14.04 -5.87
CA VAL A 199 11.37 13.53 -6.99
C VAL A 199 11.53 14.43 -8.20
N LEU A 200 11.57 15.74 -8.00
CA LEU A 200 11.70 16.61 -9.17
C LEU A 200 13.11 16.56 -9.73
N LYS A 201 14.14 16.48 -8.86
CA LYS A 201 15.52 16.43 -9.37
C LYS A 201 15.72 15.17 -10.20
N LYS A 202 15.10 14.07 -9.80
CA LYS A 202 15.23 12.82 -10.52
C LYS A 202 14.63 12.93 -11.91
N GLU A 203 13.42 13.48 -12.00
CA GLU A 203 12.74 13.60 -13.28
C GLU A 203 13.31 14.74 -14.13
N TYR A 204 13.79 15.82 -13.52
CA TYR A 204 14.25 17.02 -14.22
C TYR A 204 15.64 17.33 -13.70
N PRO A 205 16.69 16.65 -14.22
CA PRO A 205 18.01 16.78 -13.59
C PRO A 205 18.62 18.16 -13.71
N ASN A 206 18.07 19.01 -14.59
CA ASN A 206 18.58 20.36 -14.72
C ASN A 206 17.81 21.37 -13.88
N ILE A 207 16.83 20.89 -13.06
CA ILE A 207 16.10 21.83 -12.22
C ILE A 207 16.98 22.47 -11.14
N GLU A 208 16.67 23.74 -10.77
CA GLU A 208 17.22 24.35 -9.56
C GLU A 208 16.22 24.17 -8.43
N ILE A 209 16.71 23.76 -7.27
CA ILE A 209 15.88 23.60 -6.07
C ILE A 209 16.32 24.69 -5.09
N VAL A 210 15.38 25.47 -4.58
CA VAL A 210 15.69 26.65 -3.78
C VAL A 210 14.94 26.58 -2.46
N ALA A 211 15.68 26.69 -1.36
CA ALA A 211 15.13 26.79 -0.01
C ALA A 211 14.80 28.23 0.29
N ILE A 212 13.69 28.45 0.99
CA ILE A 212 13.35 29.79 1.46
C ILE A 212 13.35 29.81 2.99
N GLU A 213 14.00 30.85 3.59
CA GLU A 213 14.04 30.97 5.05
C GLU A 213 13.89 32.43 5.45
N PRO A 214 13.63 32.74 6.72
CA PRO A 214 13.45 34.16 7.12
C PRO A 214 14.81 34.87 7.17
N GLU A 215 14.87 36.04 6.56
CA GLU A 215 16.01 36.94 6.75
C GLU A 215 16.39 37.08 8.21
N ALA A 216 15.39 37.15 9.10
CA ALA A 216 15.57 37.37 10.52
C ALA A 216 16.02 36.14 11.28
N SER A 217 16.07 34.97 10.63
CA SER A 217 16.54 33.75 11.28
C SER A 217 17.13 32.84 10.22
N PRO A 218 18.28 33.25 9.64
CA PRO A 218 18.78 32.60 8.43
C PRO A 218 19.76 31.48 8.76
N VAL A 219 19.25 30.43 9.44
CA VAL A 219 20.07 29.33 9.94
C VAL A 219 20.62 28.46 8.79
N LEU A 220 19.88 28.27 7.69
CA LEU A 220 20.43 27.50 6.56
C LEU A 220 21.54 28.25 5.85
N SER A 221 21.50 29.57 5.89
CA SER A 221 22.56 30.42 5.31
C SER A 221 23.80 30.49 6.18
N GLY A 222 23.77 29.91 7.37
CA GLY A 222 24.89 29.95 8.29
C GLY A 222 24.79 31.01 9.37
N GLY A 223 23.68 31.73 9.45
CA GLY A 223 23.52 32.81 10.40
C GLY A 223 22.87 32.35 11.69
N GLU A 224 22.61 33.31 12.54
CA GLU A 224 22.11 32.92 13.84
C GLU A 224 20.59 32.92 13.87
N PRO A 225 19.98 32.06 14.70
CA PRO A 225 18.52 32.09 14.84
C PRO A 225 18.11 33.37 15.52
N GLY A 226 16.89 33.79 15.20
CA GLY A 226 16.33 34.98 15.78
C GLY A 226 14.83 34.96 15.68
N PRO A 227 14.18 35.86 16.41
CA PRO A 227 12.73 35.97 16.28
C PRO A 227 12.36 36.49 14.90
N HIS A 228 11.25 35.95 14.38
CA HIS A 228 10.77 36.30 13.06
C HIS A 228 9.27 36.00 13.02
N LYS A 229 8.63 36.51 11.98
CA LYS A 229 7.18 36.41 11.89
C LYS A 229 6.69 35.51 10.76
N LEU A 230 7.59 34.83 10.03
CA LEU A 230 7.15 33.98 8.92
C LEU A 230 6.66 32.66 9.48
N GLN A 231 5.37 32.65 9.89
CA GLN A 231 4.81 31.44 10.51
C GLN A 231 4.96 30.26 9.55
N GLY A 232 5.32 29.10 10.09
CA GLY A 232 5.56 27.88 9.34
C GLY A 232 6.99 27.66 8.92
N LEU A 233 7.82 28.70 9.03
CA LEU A 233 9.22 28.64 8.64
C LEU A 233 10.11 28.91 9.85
N GLY A 234 11.40 28.76 9.64
CA GLY A 234 12.41 29.27 10.58
C GLY A 234 12.45 28.60 11.93
N ALA A 235 12.67 27.27 11.93
CA ALA A 235 12.74 26.54 13.19
C ALA A 235 13.91 26.98 14.08
N GLY A 236 14.91 27.68 13.53
CA GLY A 236 16.07 28.05 14.34
C GLY A 236 17.17 27.01 14.40
N PHE A 237 17.01 25.88 13.72
CA PHE A 237 17.95 24.77 13.69
C PHE A 237 17.75 24.05 12.37
N ILE A 238 18.66 23.13 12.04
CA ILE A 238 18.55 22.34 10.82
C ILE A 238 17.80 21.03 11.14
N PRO A 239 16.55 20.86 10.70
CA PRO A 239 15.80 19.66 11.08
C PRO A 239 16.40 18.38 10.51
N GLY A 240 16.22 17.30 11.29
CA GLY A 240 16.51 15.97 10.78
C GLY A 240 15.86 15.65 9.45
N THR A 241 14.64 16.17 9.23
CA THR A 241 13.87 15.90 8.05
C THR A 241 14.27 16.74 6.86
N LEU A 242 15.22 17.66 7.01
CA LEU A 242 15.70 18.48 5.89
C LEU A 242 16.93 17.83 5.28
N ASN A 243 16.90 17.56 3.99
CA ASN A 243 18.11 17.11 3.30
C ASN A 243 18.90 18.36 2.90
N THR A 244 20.00 18.65 3.60
CA THR A 244 20.69 19.91 3.33
C THR A 244 21.41 19.89 2.00
N GLU A 245 21.46 18.73 1.32
CA GLU A 245 22.06 18.64 -0.01
C GLU A 245 21.06 18.89 -1.13
N ILE A 246 19.76 19.06 -0.81
CA ILE A 246 18.79 19.01 -1.90
C ILE A 246 18.74 20.35 -2.63
N TYR A 247 19.02 21.45 -1.94
CA TYR A 247 18.86 22.77 -2.53
C TYR A 247 20.18 23.29 -3.11
N ASP A 248 20.07 23.99 -4.25
CA ASP A 248 21.21 24.62 -4.90
C ASP A 248 21.47 26.02 -4.39
N SER A 249 20.47 26.65 -3.77
CA SER A 249 20.58 28.01 -3.30
C SER A 249 19.49 28.24 -2.26
N ILE A 250 19.61 29.37 -1.57
CA ILE A 250 18.71 29.80 -0.50
C ILE A 250 18.31 31.23 -0.80
N ILE A 251 17.03 31.56 -0.63
CA ILE A 251 16.53 32.92 -0.70
C ILE A 251 15.99 33.28 0.68
N LYS A 252 16.48 34.36 1.24
CA LYS A 252 16.04 34.90 2.53
C LYS A 252 14.95 35.93 2.28
N VAL A 253 13.88 35.90 3.10
CA VAL A 253 12.79 36.83 2.92
C VAL A 253 12.49 37.54 4.23
N GLY A 254 12.34 38.84 4.16
CA GLY A 254 11.99 39.57 5.35
C GLY A 254 10.51 39.48 5.72
N ASN A 255 10.23 39.81 6.99
CA ASN A 255 8.87 39.77 7.53
C ASN A 255 7.92 40.60 6.67
N ASP A 256 8.28 41.86 6.48
CA ASP A 256 7.40 42.79 5.80
C ASP A 256 7.24 42.44 4.32
N THR A 257 8.33 42.01 3.66
CA THR A 257 8.25 41.65 2.24
C THR A 257 7.23 40.53 2.01
N ALA A 258 7.29 39.51 2.85
CA ALA A 258 6.38 38.38 2.72
C ALA A 258 4.94 38.81 2.90
N MET A 259 4.67 39.64 3.92
CA MET A 259 3.30 40.09 4.13
C MET A 259 2.79 40.97 2.99
N GLU A 260 3.63 41.87 2.46
CA GLU A 260 3.19 42.67 1.32
C GLU A 260 2.85 41.80 0.11
N MET A 261 3.62 40.74 -0.15
CA MET A 261 3.29 39.89 -1.29
C MET A 261 2.00 39.11 -1.05
N SER A 262 1.79 38.61 0.16
CA SER A 262 0.54 37.86 0.36
C SER A 262 -0.66 38.77 0.12
N ARG A 263 -0.55 40.06 0.50
CA ARG A 263 -1.63 41.01 0.26
C ARG A 263 -1.85 41.26 -1.23
N ARG A 264 -0.76 41.45 -1.99
CA ARG A 264 -0.87 41.59 -3.43
C ARG A 264 -1.53 40.39 -4.06
N VAL A 265 -1.14 39.17 -3.64
CA VAL A 265 -1.63 38.00 -4.33
C VAL A 265 -3.11 37.80 -4.06
N ALA A 266 -3.56 38.12 -2.84
CA ALA A 266 -5.01 38.00 -2.57
C ALA A 266 -5.80 38.99 -3.43
N LYS A 267 -5.33 40.23 -3.52
CA LYS A 267 -6.09 41.27 -4.21
C LYS A 267 -5.99 41.15 -5.74
N GLU A 268 -4.84 40.74 -6.27
CA GLU A 268 -4.56 40.76 -7.69
C GLU A 268 -4.67 39.39 -8.36
N GLU A 269 -4.57 38.29 -7.60
CA GLU A 269 -4.84 36.96 -8.14
C GLU A 269 -6.09 36.31 -7.56
N GLY A 270 -6.62 36.85 -6.45
CA GLY A 270 -7.74 36.18 -5.79
C GLY A 270 -7.33 34.94 -5.02
N ILE A 271 -6.03 34.81 -4.70
CA ILE A 271 -5.52 33.65 -3.98
C ILE A 271 -5.16 34.14 -2.60
N LEU A 272 -5.91 33.70 -1.57
CA LEU A 272 -5.76 34.20 -0.20
C LEU A 272 -4.97 33.20 0.61
N ALA A 273 -3.69 33.50 0.89
CA ALA A 273 -2.81 32.53 1.51
C ALA A 273 -2.08 33.15 2.69
N GLY A 274 -1.34 32.32 3.44
CA GLY A 274 -0.67 32.76 4.65
C GLY A 274 0.65 33.52 4.41
N ILE A 275 1.31 33.88 5.53
CA ILE A 275 2.59 34.62 5.49
C ILE A 275 3.63 33.82 4.74
N SER A 276 3.75 32.52 5.05
CA SER A 276 4.82 31.75 4.39
C SER A 276 4.56 31.63 2.89
N SER A 277 3.28 31.72 2.46
CA SER A 277 2.97 31.71 1.03
C SER A 277 3.45 32.99 0.36
N GLY A 278 3.34 34.11 1.07
CA GLY A 278 3.83 35.35 0.49
C GLY A 278 5.34 35.33 0.38
N ALA A 279 6.00 34.67 1.33
CA ALA A 279 7.44 34.50 1.19
C ALA A 279 7.79 33.64 -0.01
N ALA A 280 7.06 32.51 -0.20
CA ALA A 280 7.32 31.62 -1.33
C ALA A 280 7.11 32.29 -2.66
N ILE A 281 6.02 33.04 -2.79
CA ILE A 281 5.75 33.71 -4.05
C ILE A 281 6.79 34.81 -4.31
N TYR A 282 7.11 35.62 -3.30
CA TYR A 282 8.14 36.64 -3.51
C TYR A 282 9.44 36.02 -4.05
N ALA A 283 9.90 34.94 -3.42
CA ALA A 283 11.10 34.25 -3.89
C ALA A 283 10.93 33.66 -5.29
N ALA A 284 9.73 33.14 -5.58
CA ALA A 284 9.50 32.55 -6.89
C ALA A 284 9.51 33.61 -8.00
N ILE A 285 9.01 34.81 -7.68
CA ILE A 285 9.03 35.89 -8.65
C ILE A 285 10.45 36.38 -8.86
N GLN A 286 11.22 36.51 -7.78
CA GLN A 286 12.65 36.83 -7.95
C GLN A 286 13.35 35.80 -8.84
N LYS A 287 13.12 34.52 -8.59
CA LYS A 287 13.72 33.51 -9.46
C LYS A 287 13.19 33.58 -10.90
N ALA A 288 11.90 33.85 -11.09
CA ALA A 288 11.34 33.92 -12.43
C ALA A 288 11.96 35.06 -13.23
N LYS A 289 12.31 36.16 -12.55
CA LYS A 289 12.89 37.30 -13.28
C LYS A 289 14.27 36.95 -13.77
N GLU A 290 14.99 36.13 -12.99
CA GLU A 290 16.32 35.67 -13.35
C GLU A 290 16.26 34.73 -14.55
N LEU A 291 15.26 33.84 -14.59
CA LEU A 291 15.17 32.83 -15.66
C LEU A 291 14.55 33.33 -16.93
N GLY A 292 13.70 34.37 -16.85
CA GLY A 292 13.14 35.01 -18.01
C GLY A 292 12.08 34.19 -18.71
N LYS A 293 11.55 34.79 -19.78
CA LYS A 293 10.32 34.34 -20.45
C LYS A 293 10.43 32.91 -20.97
N GLY A 294 9.32 32.19 -20.89
CA GLY A 294 9.23 30.85 -21.43
C GLY A 294 9.62 29.74 -20.45
N LYS A 295 10.29 30.06 -19.35
CA LYS A 295 10.68 29.08 -18.34
C LYS A 295 9.54 28.88 -17.32
N THR A 296 9.72 27.87 -16.46
CA THR A 296 8.67 27.42 -15.55
C THR A 296 9.20 27.33 -14.12
N VAL A 297 8.56 28.09 -13.21
CA VAL A 297 8.92 28.14 -11.80
C VAL A 297 7.69 27.66 -11.02
N VAL A 298 7.93 26.78 -10.03
CA VAL A 298 6.85 26.20 -9.23
C VAL A 298 7.16 26.38 -7.76
N THR A 299 6.14 26.71 -6.97
CA THR A 299 6.30 26.71 -5.54
C THR A 299 5.01 26.20 -4.91
N VAL A 300 5.02 26.14 -3.57
CA VAL A 300 3.93 25.60 -2.75
C VAL A 300 3.37 26.68 -1.83
N LEU A 301 2.02 26.73 -1.71
CA LEU A 301 1.39 27.66 -0.76
C LEU A 301 0.90 26.77 0.40
N PRO A 302 1.53 26.81 1.58
CA PRO A 302 1.21 25.82 2.61
C PRO A 302 -0.14 26.00 3.28
N SER A 303 -0.65 27.22 3.42
CA SER A 303 -1.80 27.47 4.28
C SER A 303 -2.62 28.65 3.76
N ASN A 304 -3.88 28.74 4.26
CA ASN A 304 -4.85 29.70 3.70
C ASN A 304 -4.84 30.99 4.53
N GLY A 305 -5.03 32.15 3.87
CA GLY A 305 -5.05 33.44 4.57
C GLY A 305 -6.12 33.55 5.66
N GLU A 306 -7.20 32.73 5.57
CA GLU A 306 -8.23 32.80 6.61
C GLU A 306 -7.70 32.43 7.99
N ARG A 307 -6.60 31.67 8.06
CA ARG A 307 -6.00 31.27 9.33
C ARG A 307 -5.16 32.38 9.94
N TYR A 308 -5.07 33.54 9.28
CA TYR A 308 -4.21 34.64 9.68
C TYR A 308 -4.97 35.97 9.77
N LEU A 309 -6.30 35.93 9.95
CA LEU A 309 -7.04 37.19 9.84
C LEU A 309 -6.80 38.09 11.05
N SER A 310 -6.24 37.53 12.12
CA SER A 310 -6.01 38.27 13.35
C SER A 310 -4.54 38.64 13.55
N THR A 311 -3.72 38.38 12.56
CA THR A 311 -2.31 38.74 12.54
C THR A 311 -2.15 40.02 11.76
N PRO A 312 -0.96 40.64 11.82
CA PRO A 312 -0.71 41.86 11.01
C PRO A 312 -0.81 41.63 9.53
N LEU A 313 -0.91 40.38 9.07
CA LEU A 313 -0.94 40.15 7.63
C LEU A 313 -2.17 40.79 7.00
N TYR A 314 -3.33 40.57 7.62
CA TYR A 314 -4.57 41.09 7.06
C TYR A 314 -5.28 41.94 8.11
N HIS B 3 6.97 5.58 -14.10
CA HIS B 3 5.61 5.85 -13.64
C HIS B 3 5.53 5.82 -12.10
N HIS B 4 4.64 6.66 -11.56
CA HIS B 4 4.52 6.92 -10.12
C HIS B 4 3.12 6.51 -9.68
N HIS B 5 3.05 5.59 -8.73
CA HIS B 5 1.86 4.81 -8.47
C HIS B 5 1.25 5.07 -7.10
N HIS B 6 1.83 5.98 -6.30
CA HIS B 6 1.45 6.09 -4.90
C HIS B 6 0.62 7.33 -4.56
N HIS B 7 0.17 8.10 -5.54
CA HIS B 7 -0.48 9.39 -5.32
C HIS B 7 -1.88 9.45 -5.89
N HIS B 8 -2.71 10.31 -5.30
CA HIS B 8 -4.00 10.63 -5.88
C HIS B 8 -3.83 11.48 -7.12
N MET B 9 -4.77 11.34 -8.03
CA MET B 9 -4.72 12.16 -9.24
C MET B 9 -4.99 13.62 -8.87
N ALA B 10 -4.28 14.54 -9.52
CA ALA B 10 -4.50 15.96 -9.27
C ALA B 10 -4.75 16.65 -10.60
N GLN B 11 -5.54 17.72 -10.60
CA GLN B 11 -5.89 18.28 -11.90
C GLN B 11 -4.78 19.15 -12.46
N LYS B 12 -4.76 19.27 -13.79
CA LYS B 12 -3.68 19.99 -14.46
C LYS B 12 -3.78 21.47 -14.11
N PRO B 13 -2.67 22.21 -14.23
CA PRO B 13 -2.69 23.63 -13.86
C PRO B 13 -3.76 24.39 -14.59
N VAL B 14 -4.31 25.36 -13.86
CA VAL B 14 -5.28 26.29 -14.41
C VAL B 14 -4.73 27.70 -14.38
N ASP B 15 -5.28 28.54 -15.26
CA ASP B 15 -4.88 29.91 -15.32
C ASP B 15 -5.57 30.82 -14.32
N ASN B 16 -6.68 30.40 -13.73
CA ASN B 16 -7.40 31.24 -12.80
C ASN B 16 -7.98 30.38 -11.69
N ILE B 17 -7.83 30.83 -10.43
CA ILE B 17 -8.36 30.10 -9.27
C ILE B 17 -9.86 29.80 -9.40
N THR B 18 -10.61 30.63 -10.14
CA THR B 18 -12.03 30.29 -10.27
C THR B 18 -12.30 28.97 -11.02
N GLN B 19 -11.35 28.45 -11.79
CA GLN B 19 -11.49 27.17 -12.43
C GLN B 19 -11.44 25.98 -11.45
N ILE B 20 -11.06 26.18 -10.18
CA ILE B 20 -11.04 25.13 -9.17
C ILE B 20 -12.40 25.00 -8.49
N ILE B 21 -13.28 25.98 -8.66
CA ILE B 21 -14.61 25.97 -8.05
C ILE B 21 -15.40 24.76 -8.53
N GLY B 22 -16.04 24.07 -7.57
CA GLY B 22 -16.88 22.89 -7.85
C GLY B 22 -16.14 21.56 -7.73
N GLY B 23 -16.83 20.50 -8.13
CA GLY B 23 -16.21 19.17 -8.10
C GLY B 23 -15.91 18.71 -6.70
N THR B 24 -16.81 18.97 -5.76
CA THR B 24 -16.52 18.78 -4.34
C THR B 24 -16.76 17.33 -3.91
N PRO B 25 -16.02 16.85 -2.94
CA PRO B 25 -16.08 15.42 -2.53
C PRO B 25 -17.26 15.13 -1.63
N VAL B 26 -17.50 13.81 -1.46
CA VAL B 26 -18.59 13.29 -0.63
C VAL B 26 -18.00 12.28 0.35
N VAL B 27 -18.39 12.38 1.60
CA VAL B 27 -17.90 11.49 2.65
C VAL B 27 -19.08 10.77 3.30
N LYS B 28 -18.91 9.46 3.58
CA LYS B 28 -19.91 8.72 4.35
C LYS B 28 -19.70 8.92 5.85
N LEU B 29 -20.78 9.14 6.58
CA LEU B 29 -20.67 9.26 8.03
C LEU B 29 -20.63 7.89 8.71
N ARG B 30 -19.73 7.75 9.66
CA ARG B 30 -19.38 6.45 10.26
C ARG B 30 -19.87 6.26 11.69
N ASN B 31 -19.86 7.31 12.50
CA ASN B 31 -20.05 7.18 13.96
C ASN B 31 -21.24 7.97 14.52
N VAL B 32 -21.61 9.10 13.92
CA VAL B 32 -22.73 9.81 14.51
C VAL B 32 -24.07 9.25 14.06
N VAL B 33 -24.03 8.30 13.13
CA VAL B 33 -25.23 7.54 12.76
C VAL B 33 -24.76 6.10 12.66
N ASP B 34 -25.64 5.17 13.04
CA ASP B 34 -25.22 3.77 13.18
C ASP B 34 -25.70 2.92 12.00
N ASP B 35 -25.33 1.65 12.04
CA ASP B 35 -25.58 0.73 10.94
C ASP B 35 -27.04 0.32 10.83
N ASN B 36 -27.89 0.64 11.82
CA ASN B 36 -29.31 0.30 11.71
C ASN B 36 -30.13 1.36 10.98
N ALA B 37 -29.59 2.58 10.79
CA ALA B 37 -30.21 3.64 10.00
C ALA B 37 -29.73 3.58 8.55
N ALA B 38 -30.37 4.38 7.68
CA ALA B 38 -29.87 4.54 6.30
C ALA B 38 -28.44 5.05 6.34
N ASP B 39 -27.69 4.76 5.27
CA ASP B 39 -26.39 5.40 5.09
C ASP B 39 -26.59 6.90 4.91
N VAL B 40 -25.68 7.71 5.47
CA VAL B 40 -25.70 9.19 5.34
C VAL B 40 -24.39 9.64 4.71
N TYR B 41 -24.50 10.35 3.59
CA TYR B 41 -23.37 10.93 2.88
C TYR B 41 -23.47 12.44 2.92
N VAL B 42 -22.31 13.12 3.01
CA VAL B 42 -22.27 14.58 3.09
C VAL B 42 -21.33 15.13 2.01
N LYS B 43 -21.81 16.13 1.25
CA LYS B 43 -20.99 16.76 0.21
C LYS B 43 -20.30 18.00 0.76
N LEU B 44 -18.98 18.10 0.59
CA LEU B 44 -18.20 19.10 1.36
C LEU B 44 -18.04 20.38 0.53
N GLU B 45 -19.03 21.27 0.60
CA GLU B 45 -18.97 22.48 -0.21
C GLU B 45 -17.95 23.50 0.31
N TYR B 46 -17.39 23.30 1.50
CA TYR B 46 -16.29 24.11 1.95
C TYR B 46 -14.98 23.76 1.28
N GLN B 47 -14.93 22.68 0.45
CA GLN B 47 -13.71 22.40 -0.27
C GLN B 47 -13.54 23.32 -1.49
N ASN B 48 -14.57 24.05 -1.86
CA ASN B 48 -14.41 25.13 -2.85
C ASN B 48 -13.29 26.07 -2.40
N PRO B 49 -12.55 26.67 -3.33
CA PRO B 49 -11.32 27.38 -2.96
C PRO B 49 -11.53 28.63 -2.15
N GLY B 50 -12.70 29.26 -2.23
CA GLY B 50 -13.01 30.38 -1.35
C GLY B 50 -13.66 30.01 -0.04
N GLY B 51 -13.91 28.71 0.19
CA GLY B 51 -14.31 28.21 1.48
C GLY B 51 -15.80 27.89 1.69
N SER B 52 -16.66 28.07 0.67
CA SER B 52 -18.07 27.75 0.89
C SER B 52 -18.81 27.52 -0.43
N VAL B 53 -20.03 27.01 -0.27
CA VAL B 53 -20.94 26.77 -1.43
C VAL B 53 -21.12 28.05 -2.25
N1 LLP B 54 -25.34 27.56 5.10
C2 LLP B 54 -24.38 28.44 4.80
C2' LLP B 54 -23.26 28.51 5.83
C3 LLP B 54 -24.44 29.20 3.62
O3 LLP B 54 -23.45 30.08 3.35
C4 LLP B 54 -25.52 29.11 2.75
C4' LLP B 54 -25.56 30.00 1.40
C5 LLP B 54 -26.49 28.19 3.05
C6 LLP B 54 -26.42 27.40 4.23
C5' LLP B 54 -27.78 27.97 2.15
OP4 LLP B 54 -27.42 27.78 0.78
P LLP B 54 -28.48 28.31 -0.28
OP1 LLP B 54 -28.36 29.83 -0.38
OP2 LLP B 54 -28.15 27.66 -1.55
OP3 LLP B 54 -29.87 27.97 0.25
N LLP B 54 -21.02 29.21 -1.60
CA LLP B 54 -21.26 30.48 -2.34
CB LLP B 54 -21.40 31.59 -1.33
CG LLP B 54 -22.54 31.35 -0.33
CD LLP B 54 -23.90 31.28 -1.02
CE LLP B 54 -24.97 31.78 0.01
NZ LLP B 54 -24.78 31.19 1.36
C LLP B 54 -20.24 30.82 -3.38
O LLP B 54 -20.53 31.64 -4.25
N ASP B 55 -19.09 30.15 -3.41
CA ASP B 55 -18.14 30.26 -4.54
C ASP B 55 -18.93 30.03 -5.85
N ARG B 56 -19.80 29.02 -5.82
CA ARG B 56 -20.49 28.62 -7.05
C ARG B 56 -21.39 29.72 -7.58
N ILE B 57 -22.18 30.35 -6.70
CA ILE B 57 -23.15 31.33 -7.23
C ILE B 57 -22.45 32.64 -7.48
N ALA B 58 -21.34 32.91 -6.80
CA ALA B 58 -20.63 34.13 -7.11
C ALA B 58 -20.01 34.04 -8.50
N LEU B 59 -19.37 32.92 -8.83
CA LEU B 59 -18.84 32.75 -10.17
C LEU B 59 -19.97 32.79 -11.20
N ALA B 60 -21.06 32.04 -10.96
CA ALA B 60 -22.14 31.95 -11.96
C ALA B 60 -22.75 33.31 -12.22
N MET B 61 -23.01 34.08 -11.16
CA MET B 61 -23.68 35.37 -11.39
C MET B 61 -22.77 36.33 -12.11
N ILE B 62 -21.48 36.33 -11.80
CA ILE B 62 -20.59 37.24 -12.48
C ILE B 62 -20.40 36.82 -13.95
N GLU B 63 -20.16 35.52 -14.20
CA GLU B 63 -19.95 35.10 -15.58
C GLU B 63 -21.18 35.38 -16.43
N LYS B 64 -22.39 35.16 -15.89
CA LYS B 64 -23.58 35.41 -16.71
C LYS B 64 -23.67 36.89 -17.08
N ALA B 65 -23.51 37.76 -16.10
CA ALA B 65 -23.56 39.19 -16.40
C ALA B 65 -22.45 39.60 -17.36
N GLU B 66 -21.32 38.91 -17.31
CA GLU B 66 -20.25 39.18 -18.26
C GLU B 66 -20.65 38.76 -19.67
N ARG B 67 -21.25 37.57 -19.80
CA ARG B 67 -21.71 37.09 -21.10
C ARG B 67 -22.75 38.02 -21.69
N GLU B 68 -23.64 38.52 -20.85
CA GLU B 68 -24.71 39.38 -21.33
C GLU B 68 -24.22 40.79 -21.67
N GLY B 69 -22.98 41.10 -21.30
CA GLY B 69 -22.41 42.41 -21.50
C GLY B 69 -22.88 43.46 -20.52
N LYS B 70 -23.51 43.05 -19.41
CA LYS B 70 -23.88 43.99 -18.36
C LYS B 70 -22.66 44.52 -17.60
N ILE B 71 -21.63 43.69 -17.42
CA ILE B 71 -20.38 44.10 -16.82
C ILE B 71 -19.24 43.64 -17.71
N LYS B 72 -18.10 44.31 -17.55
CA LYS B 72 -16.86 43.97 -18.20
C LYS B 72 -15.78 44.23 -17.17
N PRO B 73 -14.66 43.50 -17.23
CA PRO B 73 -13.61 43.65 -16.22
C PRO B 73 -13.28 45.12 -15.96
N GLY B 74 -13.11 45.46 -14.69
CA GLY B 74 -12.93 46.83 -14.27
C GLY B 74 -14.16 47.44 -13.65
N ASP B 75 -15.34 46.87 -13.90
CA ASP B 75 -16.58 47.39 -13.35
C ASP B 75 -16.75 47.00 -11.88
N THR B 76 -17.70 47.66 -11.22
CA THR B 76 -18.02 47.47 -9.81
C THR B 76 -19.34 46.74 -9.62
N ILE B 77 -19.34 45.81 -8.66
CA ILE B 77 -20.49 45.03 -8.23
C ILE B 77 -20.84 45.49 -6.84
N VAL B 78 -22.13 45.40 -6.46
CA VAL B 78 -22.61 45.77 -5.12
C VAL B 78 -23.64 44.74 -4.63
N GLU B 79 -23.54 44.32 -3.37
CA GLU B 79 -24.39 43.32 -2.84
C GLU B 79 -24.55 43.52 -1.32
N PRO B 80 -25.73 43.47 -0.84
CA PRO B 80 -25.95 43.48 0.61
C PRO B 80 -25.83 42.09 1.19
N THR B 81 -24.79 41.88 2.00
CA THR B 81 -24.52 40.58 2.59
C THR B 81 -23.58 40.71 3.75
N SER B 82 -23.92 40.09 4.85
CA SER B 82 -23.00 39.96 5.96
C SER B 82 -22.39 38.54 6.05
N GLY B 83 -22.58 37.70 5.01
CA GLY B 83 -22.18 36.32 5.19
C GLY B 83 -21.34 35.79 4.05
N ASN B 84 -21.48 34.50 3.84
CA ASN B 84 -20.62 33.81 2.89
C ASN B 84 -20.76 34.28 1.43
N THR B 85 -21.89 34.87 1.01
CA THR B 85 -22.01 35.40 -0.34
C THR B 85 -21.10 36.60 -0.56
N GLY B 86 -20.95 37.44 0.46
CA GLY B 86 -19.95 38.50 0.39
C GLY B 86 -18.54 37.96 0.22
N ILE B 87 -18.18 36.92 0.98
CA ILE B 87 -16.84 36.34 0.82
C ILE B 87 -16.66 35.78 -0.59
N GLY B 88 -17.67 35.05 -1.06
CA GLY B 88 -17.58 34.43 -2.37
C GLY B 88 -17.45 35.46 -3.48
N LEU B 89 -18.29 36.51 -3.40
CA LEU B 89 -18.21 37.59 -4.36
C LEU B 89 -16.90 38.37 -4.27
N ALA B 90 -16.38 38.56 -3.05
CA ALA B 90 -15.09 39.23 -2.92
C ALA B 90 -14.00 38.42 -3.57
N PHE B 91 -14.00 37.11 -3.31
CA PHE B 91 -13.03 36.20 -3.89
C PHE B 91 -13.11 36.23 -5.40
N VAL B 92 -14.30 36.01 -5.97
CA VAL B 92 -14.44 35.89 -7.42
C VAL B 92 -14.12 37.22 -8.12
N CYS B 93 -14.50 38.35 -7.52
CA CYS B 93 -14.16 39.64 -8.13
C CYS B 93 -12.66 39.86 -8.16
N ALA B 94 -11.95 39.51 -7.09
CA ALA B 94 -10.49 39.63 -7.14
C ALA B 94 -9.92 38.76 -8.24
N ALA B 95 -10.44 37.54 -8.39
CA ALA B 95 -9.89 36.62 -9.36
C ALA B 95 -10.22 37.02 -10.79
N LYS B 96 -11.34 37.72 -10.98
CA LYS B 96 -11.79 38.00 -12.36
C LYS B 96 -11.61 39.45 -12.78
N GLY B 97 -11.03 40.30 -11.93
CA GLY B 97 -10.75 41.66 -12.33
C GLY B 97 -11.88 42.66 -12.13
N TYR B 98 -12.76 42.44 -11.15
CA TYR B 98 -13.88 43.33 -10.82
C TYR B 98 -13.67 43.96 -9.44
N LYS B 99 -14.30 45.12 -9.24
CA LYS B 99 -14.31 45.81 -7.97
C LYS B 99 -15.58 45.43 -7.24
N ALA B 100 -15.48 45.18 -5.95
CA ALA B 100 -16.63 44.75 -5.17
C ALA B 100 -16.90 45.73 -4.05
N VAL B 101 -18.16 46.06 -3.86
CA VAL B 101 -18.60 46.85 -2.72
C VAL B 101 -19.72 46.09 -2.03
N PHE B 102 -19.67 46.00 -0.70
CA PHE B 102 -20.64 45.24 0.07
C PHE B 102 -21.24 46.11 1.16
N THR B 103 -22.54 45.98 1.37
CA THR B 103 -23.17 46.66 2.49
C THR B 103 -23.58 45.67 3.56
N MET B 104 -23.48 46.08 4.83
CA MET B 104 -23.84 45.14 5.86
C MET B 104 -24.02 45.91 7.15
N PRO B 105 -24.82 45.40 8.08
CA PRO B 105 -24.92 46.05 9.39
C PRO B 105 -23.59 46.04 10.13
N GLU B 106 -23.37 47.10 10.91
CA GLU B 106 -22.12 47.28 11.63
C GLU B 106 -21.89 46.18 12.67
N THR B 107 -22.81 45.21 12.80
CA THR B 107 -22.71 44.03 13.67
C THR B 107 -21.70 42.97 13.20
N MET B 108 -21.02 43.15 12.07
CA MET B 108 -20.17 42.11 11.48
C MET B 108 -18.77 42.20 12.10
N SER B 109 -18.14 41.05 12.38
CA SER B 109 -16.86 41.03 13.09
C SER B 109 -15.73 41.63 12.26
N GLN B 110 -14.69 42.12 12.96
CA GLN B 110 -13.52 42.60 12.25
C GLN B 110 -12.88 41.52 11.40
N GLU B 111 -12.85 40.27 11.91
CA GLU B 111 -12.23 39.19 11.17
C GLU B 111 -12.90 39.03 9.80
N ARG B 112 -14.24 39.00 9.78
CA ARG B 112 -14.98 38.95 8.52
C ARG B 112 -14.73 40.19 7.68
N ARG B 113 -14.69 41.37 8.31
CA ARG B 113 -14.33 42.57 7.58
C ARG B 113 -12.95 42.47 6.95
N ASN B 114 -11.94 42.02 7.73
CA ASN B 114 -10.60 41.91 7.20
C ASN B 114 -10.54 40.88 6.08
N LEU B 115 -11.38 39.84 6.16
CA LEU B 115 -11.41 38.85 5.09
C LEU B 115 -11.86 39.48 3.78
N LEU B 116 -12.95 40.26 3.84
CA LEU B 116 -13.43 40.95 2.65
C LEU B 116 -12.41 41.96 2.16
N LYS B 117 -11.82 42.76 3.07
CA LYS B 117 -10.82 43.71 2.63
C LYS B 117 -9.53 43.04 2.14
N ALA B 118 -9.22 41.83 2.59
CA ALA B 118 -8.02 41.17 2.08
C ALA B 118 -8.11 40.88 0.59
N TYR B 119 -9.33 40.60 0.10
CA TYR B 119 -9.57 40.44 -1.32
C TYR B 119 -9.72 41.78 -2.04
N GLY B 120 -9.60 42.89 -1.33
CA GLY B 120 -9.70 44.18 -1.97
C GLY B 120 -11.11 44.77 -2.05
N ALA B 121 -12.08 44.15 -1.39
CA ALA B 121 -13.45 44.66 -1.38
C ALA B 121 -13.56 45.90 -0.51
N GLU B 122 -14.53 46.75 -0.83
CA GLU B 122 -14.85 47.89 0.00
C GLU B 122 -16.13 47.61 0.77
N LEU B 123 -16.17 48.06 2.01
CA LEU B 123 -17.29 47.84 2.88
C LEU B 123 -18.00 49.16 3.15
N VAL B 124 -19.34 49.10 3.17
CA VAL B 124 -20.18 50.21 3.59
C VAL B 124 -21.05 49.69 4.72
N LEU B 125 -20.65 50.02 5.95
CA LEU B 125 -21.37 49.54 7.11
C LEU B 125 -22.64 50.35 7.29
N THR B 126 -23.70 49.68 7.69
CA THR B 126 -24.96 50.36 7.87
C THR B 126 -25.38 50.17 9.33
N PRO B 127 -26.36 50.95 9.81
CA PRO B 127 -26.62 50.99 11.27
C PRO B 127 -27.07 49.64 11.82
N GLY B 128 -26.42 49.21 12.91
CA GLY B 128 -26.69 47.88 13.41
C GLY B 128 -28.17 47.64 13.70
N SER B 129 -28.87 48.67 14.20
CA SER B 129 -30.28 48.52 14.55
C SER B 129 -31.18 48.37 13.33
N GLU B 130 -30.72 48.77 12.14
CA GLU B 130 -31.47 48.60 10.91
C GLU B 130 -31.31 47.20 10.30
N ALA B 131 -30.35 46.41 10.76
CA ALA B 131 -30.19 45.00 10.35
C ALA B 131 -30.03 44.93 8.82
N MET B 132 -30.52 43.84 8.21
CA MET B 132 -30.30 43.68 6.78
C MET B 132 -31.12 44.64 5.97
N LYS B 133 -32.27 45.08 6.51
CA LYS B 133 -33.10 46.05 5.80
C LYS B 133 -32.31 47.31 5.46
N GLY B 134 -31.50 47.78 6.43
CA GLY B 134 -30.67 48.94 6.17
C GLY B 134 -29.54 48.68 5.20
N ALA B 135 -28.95 47.46 5.25
CA ALA B 135 -27.94 47.13 4.26
C ALA B 135 -28.54 47.09 2.86
N ILE B 136 -29.76 46.52 2.74
CA ILE B 136 -30.40 46.45 1.43
C ILE B 136 -30.70 47.86 0.93
N LYS B 137 -31.20 48.70 1.84
CA LYS B 137 -31.53 50.09 1.53
C LYS B 137 -30.34 50.79 0.92
N LYS B 138 -29.18 50.68 1.58
CA LYS B 138 -27.96 51.34 1.09
C LYS B 138 -27.45 50.74 -0.21
N ALA B 139 -27.54 49.41 -0.38
CA ALA B 139 -27.12 48.80 -1.63
C ALA B 139 -27.93 49.36 -2.81
N LYS B 140 -29.25 49.38 -2.68
CA LYS B 140 -30.08 49.90 -3.78
C LYS B 140 -29.80 51.38 -4.05
N GLU B 141 -29.53 52.15 -2.99
CA GLU B 141 -29.08 53.53 -3.20
C GLU B 141 -27.82 53.61 -4.06
N LEU B 142 -26.76 52.89 -3.65
CA LEU B 142 -25.51 52.93 -4.43
C LEU B 142 -25.73 52.43 -5.85
N LYS B 143 -26.57 51.41 -6.01
CA LYS B 143 -26.83 50.86 -7.34
C LYS B 143 -27.44 51.92 -8.26
N GLU B 144 -28.45 52.64 -7.76
CA GLU B 144 -29.08 53.66 -8.61
C GLU B 144 -28.13 54.83 -8.87
N GLU B 145 -27.43 55.28 -7.82
CA GLU B 145 -26.61 56.46 -7.92
C GLU B 145 -25.40 56.25 -8.83
N HIS B 146 -24.76 55.07 -8.76
CA HIS B 146 -23.52 54.83 -9.50
C HIS B 146 -23.64 53.87 -10.67
N GLY B 147 -24.77 53.20 -10.85
CA GLY B 147 -24.92 52.29 -11.97
C GLY B 147 -24.21 50.97 -11.81
N TYR B 148 -23.93 50.57 -10.57
CA TYR B 148 -23.31 49.30 -10.27
C TYR B 148 -24.23 48.14 -10.62
N PHE B 149 -23.64 47.02 -10.98
CA PHE B 149 -24.42 45.80 -11.16
C PHE B 149 -24.61 45.13 -9.80
N GLU B 150 -25.86 44.73 -9.48
CA GLU B 150 -26.15 44.04 -8.23
C GLU B 150 -26.47 42.59 -8.55
N PRO B 151 -25.66 41.63 -8.10
CA PRO B 151 -25.96 40.23 -8.41
C PRO B 151 -27.36 39.80 -8.02
N GLN B 152 -27.83 40.20 -6.83
CA GLN B 152 -29.17 39.87 -6.34
C GLN B 152 -29.30 38.38 -6.05
N GLN B 153 -28.59 37.89 -5.03
CA GLN B 153 -28.56 36.46 -4.82
C GLN B 153 -29.91 35.83 -4.53
N PHE B 154 -30.91 36.61 -4.04
CA PHE B 154 -32.22 36.03 -3.71
C PHE B 154 -33.21 36.12 -4.88
N GLU B 155 -32.82 36.73 -5.99
CA GLU B 155 -33.62 36.82 -7.20
C GLU B 155 -32.97 36.26 -8.46
N ASN B 156 -31.66 36.10 -8.47
CA ASN B 156 -30.97 35.85 -9.72
C ASN B 156 -31.09 34.38 -10.13
N PRO B 157 -31.65 34.07 -11.31
CA PRO B 157 -31.84 32.66 -11.67
C PRO B 157 -30.53 31.92 -11.85
N ALA B 158 -29.42 32.62 -12.07
CA ALA B 158 -28.12 31.96 -12.18
C ALA B 158 -27.75 31.21 -10.89
N ASN B 159 -28.35 31.60 -9.76
CA ASN B 159 -28.05 30.92 -8.49
C ASN B 159 -28.62 29.51 -8.49
N PRO B 160 -29.96 29.30 -8.58
CA PRO B 160 -30.36 27.89 -8.68
C PRO B 160 -29.84 27.24 -9.91
N GLU B 161 -29.65 27.99 -11.01
CA GLU B 161 -29.25 27.29 -12.20
C GLU B 161 -27.86 26.66 -12.04
N VAL B 162 -26.95 27.36 -11.35
CA VAL B 162 -25.62 26.76 -11.29
C VAL B 162 -25.67 25.45 -10.51
N HIS B 163 -26.57 25.33 -9.53
CA HIS B 163 -26.69 24.06 -8.82
C HIS B 163 -27.34 23.00 -9.70
N GLU B 164 -28.21 23.41 -10.66
CA GLU B 164 -28.76 22.47 -11.64
C GLU B 164 -27.69 22.01 -12.64
N LEU B 165 -26.72 22.86 -12.94
CA LEU B 165 -25.69 22.56 -13.92
C LEU B 165 -24.43 21.96 -13.32
N THR B 166 -24.14 22.14 -12.01
CA THR B 166 -22.85 21.68 -11.51
C THR B 166 -23.08 20.80 -10.28
N THR B 167 -23.58 21.35 -9.19
CA THR B 167 -23.72 20.59 -7.93
C THR B 167 -24.55 19.34 -8.11
N GLY B 168 -25.73 19.45 -8.78
CA GLY B 168 -26.60 18.29 -8.95
C GLY B 168 -26.02 17.21 -9.83
N PRO B 169 -25.59 17.60 -11.01
CA PRO B 169 -24.91 16.63 -11.87
C PRO B 169 -23.72 15.99 -11.21
N GLU B 170 -22.96 16.71 -10.39
CA GLU B 170 -21.88 16.07 -9.63
C GLU B 170 -22.41 14.96 -8.74
N LEU B 171 -23.49 15.23 -8.01
CA LEU B 171 -24.06 14.19 -7.17
C LEU B 171 -24.57 13.00 -7.98
N LEU B 172 -25.08 13.26 -9.18
CA LEU B 172 -25.55 12.14 -10.01
C LEU B 172 -24.39 11.25 -10.41
N GLN B 173 -23.22 11.83 -10.75
CA GLN B 173 -22.18 10.87 -11.13
C GLN B 173 -21.57 10.25 -9.90
N GLN B 174 -21.60 10.97 -8.76
CA GLN B 174 -21.03 10.43 -7.56
C GLN B 174 -21.83 9.24 -7.06
N PHE B 175 -23.13 9.23 -7.36
CA PHE B 175 -24.04 8.16 -6.99
C PHE B 175 -24.55 7.38 -8.21
N GLU B 176 -23.79 7.38 -9.30
CA GLU B 176 -24.20 6.62 -10.48
C GLU B 176 -24.34 5.14 -10.11
N GLY B 177 -25.48 4.56 -10.44
CA GLY B 177 -25.72 3.15 -10.12
C GLY B 177 -26.28 2.88 -8.74
N LYS B 178 -26.48 3.91 -7.92
CA LYS B 178 -27.04 3.77 -6.60
C LYS B 178 -28.28 4.64 -6.56
N THR B 179 -29.24 4.30 -5.72
CA THR B 179 -30.44 5.12 -5.62
C THR B 179 -30.28 6.04 -4.42
N ILE B 180 -30.61 7.32 -4.58
CA ILE B 180 -30.68 8.24 -3.43
C ILE B 180 -32.14 8.28 -2.97
N ASP B 181 -32.37 7.92 -1.72
CA ASP B 181 -33.74 7.89 -1.21
C ASP B 181 -34.18 9.22 -0.60
N ALA B 182 -33.25 10.06 -0.14
CA ALA B 182 -33.63 11.38 0.37
C ALA B 182 -32.46 12.33 0.21
N PHE B 183 -32.77 13.58 -0.16
CA PHE B 183 -31.76 14.64 -0.25
C PHE B 183 -32.29 15.80 0.59
N LEU B 184 -31.47 16.34 1.49
CA LEU B 184 -31.88 17.40 2.39
C LEU B 184 -30.89 18.54 2.26
N ALA B 185 -31.37 19.81 2.35
CA ALA B 185 -30.43 20.91 2.39
C ALA B 185 -31.06 22.05 3.17
N GLY B 186 -30.25 22.74 3.96
CA GLY B 186 -30.65 24.00 4.53
C GLY B 186 -30.94 25.04 3.47
N VAL B 187 -31.92 25.91 3.77
CA VAL B 187 -32.36 26.95 2.83
C VAL B 187 -31.90 28.32 3.33
N GLY B 188 -31.03 28.95 2.54
CA GLY B 188 -30.68 30.36 2.69
C GLY B 188 -31.31 31.12 1.54
N THR B 189 -30.64 31.17 0.38
CA THR B 189 -31.35 31.56 -0.84
C THR B 189 -32.25 30.46 -1.37
N GLY B 190 -32.04 29.21 -0.99
CA GLY B 190 -32.79 28.13 -1.61
C GLY B 190 -32.24 27.69 -2.96
N GLY B 191 -31.11 28.27 -3.40
CA GLY B 191 -30.57 27.86 -4.70
C GLY B 191 -30.09 26.44 -4.69
N THR B 192 -29.37 26.03 -3.61
CA THR B 192 -28.86 24.66 -3.54
C THR B 192 -30.03 23.65 -3.60
N LEU B 193 -30.98 23.78 -2.69
CA LEU B 193 -32.08 22.81 -2.63
C LEU B 193 -32.87 22.80 -3.93
N SER B 194 -33.07 23.97 -4.52
CA SER B 194 -33.88 24.06 -5.74
C SER B 194 -33.18 23.46 -6.95
N GLY B 195 -31.89 23.77 -7.15
CA GLY B 195 -31.21 23.28 -8.32
C GLY B 195 -30.87 21.82 -8.18
N VAL B 196 -30.29 21.43 -7.03
CA VAL B 196 -29.95 20.03 -6.84
C VAL B 196 -31.23 19.18 -6.84
N GLY B 197 -32.25 19.66 -6.16
CA GLY B 197 -33.49 18.92 -6.06
C GLY B 197 -34.13 18.64 -7.41
N LYS B 198 -34.08 19.61 -8.32
CA LYS B 198 -34.63 19.40 -9.66
C LYS B 198 -33.89 18.27 -10.36
N VAL B 199 -32.56 18.30 -10.33
CA VAL B 199 -31.77 17.27 -11.00
C VAL B 199 -32.01 15.91 -10.35
N LEU B 200 -32.02 15.83 -9.01
CA LEU B 200 -32.15 14.53 -8.35
C LEU B 200 -33.56 13.95 -8.54
N LYS B 201 -34.59 14.79 -8.55
CA LYS B 201 -35.95 14.30 -8.74
C LYS B 201 -36.15 13.75 -10.14
N LYS B 202 -35.47 14.31 -11.14
CA LYS B 202 -35.62 13.81 -12.50
C LYS B 202 -35.01 12.42 -12.62
N GLU B 203 -33.88 12.17 -11.94
CA GLU B 203 -33.22 10.88 -12.01
C GLU B 203 -33.88 9.85 -11.14
N TYR B 204 -34.39 10.29 -9.97
CA TYR B 204 -34.92 9.46 -8.90
C TYR B 204 -36.33 9.89 -8.54
N PRO B 205 -37.35 9.41 -9.25
CA PRO B 205 -38.69 9.97 -9.03
C PRO B 205 -39.28 9.70 -7.67
N ASN B 206 -38.82 8.69 -6.91
CA ASN B 206 -39.38 8.43 -5.59
C ASN B 206 -38.57 9.12 -4.49
N ILE B 207 -37.59 9.97 -4.85
CA ILE B 207 -36.77 10.64 -3.85
C ILE B 207 -37.64 11.58 -3.04
N GLU B 208 -37.30 11.72 -1.75
CA GLU B 208 -37.85 12.76 -0.91
C GLU B 208 -36.86 13.90 -0.87
N ILE B 209 -37.35 15.11 -1.12
CA ILE B 209 -36.54 16.34 -1.08
C ILE B 209 -36.98 17.08 0.16
N VAL B 210 -36.02 17.46 1.03
CA VAL B 210 -36.38 18.02 2.33
C VAL B 210 -35.65 19.34 2.55
N ALA B 211 -36.43 20.39 2.91
CA ALA B 211 -35.91 21.71 3.28
C ALA B 211 -35.61 21.75 4.76
N ILE B 212 -34.47 22.35 5.12
CA ILE B 212 -34.11 22.56 6.51
C ILE B 212 -34.15 24.05 6.82
N GLU B 213 -34.77 24.42 7.95
CA GLU B 213 -34.87 25.81 8.37
C GLU B 213 -34.81 25.91 9.90
N PRO B 214 -34.58 27.12 10.44
CA PRO B 214 -34.40 27.27 11.88
C PRO B 214 -35.75 27.19 12.57
N GLU B 215 -35.80 26.40 13.64
CA GLU B 215 -36.96 26.34 14.51
C GLU B 215 -37.35 27.73 14.99
N ALA B 216 -36.36 28.60 15.15
CA ALA B 216 -36.55 29.95 15.68
C ALA B 216 -36.93 30.96 14.62
N SER B 217 -37.00 30.57 13.35
CA SER B 217 -37.43 31.48 12.29
C SER B 217 -38.07 30.67 11.17
N PRO B 218 -39.23 30.04 11.45
CA PRO B 218 -39.75 28.96 10.60
C PRO B 218 -40.72 29.44 9.52
N VAL B 219 -40.21 30.30 8.63
CA VAL B 219 -41.05 30.96 7.64
C VAL B 219 -41.56 29.96 6.60
N LEU B 220 -40.72 29.03 6.17
CA LEU B 220 -41.22 28.04 5.22
C LEU B 220 -42.37 27.23 5.78
N SER B 221 -42.36 26.98 7.10
CA SER B 221 -43.39 26.22 7.79
C SER B 221 -44.64 27.04 8.06
N GLY B 222 -44.60 28.34 7.79
CA GLY B 222 -45.75 29.21 8.00
C GLY B 222 -45.69 30.02 9.26
N GLY B 223 -44.57 29.98 9.99
CA GLY B 223 -44.43 30.75 11.21
C GLY B 223 -43.85 32.11 10.95
N GLU B 224 -43.55 32.81 12.05
CA GLU B 224 -43.07 34.18 12.12
C GLU B 224 -41.55 34.23 11.99
N PRO B 225 -41.03 35.21 11.26
CA PRO B 225 -39.58 35.41 11.25
C PRO B 225 -39.09 35.82 12.63
N GLY B 226 -37.84 35.47 12.92
CA GLY B 226 -37.26 35.85 14.19
C GLY B 226 -35.77 35.62 14.20
N PRO B 227 -35.08 36.12 15.23
CA PRO B 227 -33.63 35.93 15.31
C PRO B 227 -33.27 34.47 15.55
N HIS B 228 -32.16 34.06 14.96
CA HIS B 228 -31.74 32.67 15.12
C HIS B 228 -30.23 32.63 14.92
N LYS B 229 -29.65 31.44 15.17
CA LYS B 229 -28.19 31.31 15.13
C LYS B 229 -27.70 30.41 13.99
N LEU B 230 -28.57 29.93 13.11
CA LEU B 230 -28.14 29.04 12.03
C LEU B 230 -27.61 29.87 10.87
N GLN B 231 -26.37 30.33 11.02
CA GLN B 231 -25.77 31.19 10.00
C GLN B 231 -25.82 30.55 8.61
N GLY B 232 -26.25 31.33 7.62
CA GLY B 232 -26.42 30.84 6.27
C GLY B 232 -27.85 30.44 5.94
N LEU B 233 -28.69 30.22 6.96
CA LEU B 233 -30.10 29.86 6.77
C LEU B 233 -31.00 30.99 7.24
N GLY B 234 -32.29 30.80 6.98
CA GLY B 234 -33.23 31.62 7.70
C GLY B 234 -33.28 33.09 7.33
N ALA B 235 -33.58 33.36 6.08
CA ALA B 235 -33.61 34.76 5.62
C ALA B 235 -34.81 35.55 6.19
N GLY B 236 -35.82 34.88 6.70
CA GLY B 236 -36.98 35.58 7.24
C GLY B 236 -38.00 35.97 6.19
N PHE B 237 -37.84 35.48 4.98
CA PHE B 237 -38.78 35.66 3.88
C PHE B 237 -38.56 34.45 2.97
N ILE B 238 -39.44 34.31 1.99
CA ILE B 238 -39.34 33.24 0.99
C ILE B 238 -38.62 33.80 -0.22
N PRO B 239 -37.38 33.39 -0.49
CA PRO B 239 -36.64 34.00 -1.60
C PRO B 239 -37.25 33.64 -2.95
N GLY B 240 -37.09 34.56 -3.88
CA GLY B 240 -37.39 34.24 -5.28
C GLY B 240 -36.65 33.03 -5.81
N THR B 241 -35.38 32.83 -5.37
CA THR B 241 -34.55 31.72 -5.83
C THR B 241 -34.96 30.39 -5.23
N LEU B 242 -35.94 30.34 -4.32
CA LEU B 242 -36.41 29.08 -3.72
C LEU B 242 -37.64 28.63 -4.48
N ASN B 243 -37.57 27.45 -5.03
CA ASN B 243 -38.75 26.84 -5.64
C ASN B 243 -39.51 26.15 -4.53
N THR B 244 -40.64 26.72 -4.12
CA THR B 244 -41.33 26.14 -2.97
C THR B 244 -42.08 24.87 -3.29
N GLU B 245 -42.14 24.47 -4.56
CA GLU B 245 -42.67 23.17 -4.95
C GLU B 245 -41.63 22.04 -4.92
N ILE B 246 -40.34 22.33 -4.65
CA ILE B 246 -39.32 21.30 -4.87
C ILE B 246 -39.28 20.33 -3.70
N TYR B 247 -39.65 20.77 -2.51
CA TYR B 247 -39.51 19.94 -1.32
C TYR B 247 -40.82 19.32 -0.92
N ASP B 248 -40.72 18.10 -0.42
CA ASP B 248 -41.84 17.31 0.06
C ASP B 248 -42.13 17.56 1.52
N SER B 249 -41.13 18.05 2.26
CA SER B 249 -41.30 18.27 3.68
C SER B 249 -40.20 19.23 4.14
N ILE B 250 -40.40 19.72 5.35
CA ILE B 250 -39.48 20.61 6.07
C ILE B 250 -39.11 19.96 7.39
N ILE B 251 -37.83 20.07 7.78
CA ILE B 251 -37.37 19.78 9.12
C ILE B 251 -36.82 21.07 9.72
N LYS B 252 -37.38 21.47 10.85
CA LYS B 252 -36.92 22.61 11.64
C LYS B 252 -35.88 22.16 12.63
N VAL B 253 -34.82 22.96 12.79
CA VAL B 253 -33.72 22.59 13.65
C VAL B 253 -33.47 23.71 14.65
N GLY B 254 -33.30 23.35 15.94
CA GLY B 254 -33.00 24.37 16.92
C GLY B 254 -31.53 24.77 16.88
N ASN B 255 -31.27 25.98 17.37
CA ASN B 255 -29.91 26.50 17.46
C ASN B 255 -28.99 25.51 18.18
N ASP B 256 -29.37 25.11 19.39
CA ASP B 256 -28.46 24.29 20.18
C ASP B 256 -28.31 22.89 19.59
N THR B 257 -29.39 22.32 19.05
CA THR B 257 -29.34 21.03 18.37
C THR B 257 -28.30 21.04 17.25
N ALA B 258 -28.32 22.08 16.43
CA ALA B 258 -27.39 22.17 15.31
C ALA B 258 -25.95 22.31 15.81
N MET B 259 -25.72 23.20 16.78
CA MET B 259 -24.37 23.36 17.35
C MET B 259 -23.85 22.07 17.93
N GLU B 260 -24.68 21.37 18.71
CA GLU B 260 -24.22 20.12 19.32
C GLU B 260 -23.82 19.08 18.26
N MET B 261 -24.54 19.03 17.16
CA MET B 261 -24.21 18.03 16.16
C MET B 261 -22.92 18.41 15.44
N SER B 262 -22.74 19.71 15.16
CA SER B 262 -21.46 20.11 14.57
C SER B 262 -20.29 19.73 15.45
N ARG B 263 -20.46 19.89 16.75
CA ARG B 263 -19.37 19.53 17.63
C ARG B 263 -19.12 18.03 17.58
N ARG B 264 -20.17 17.21 17.65
CA ARG B 264 -20.01 15.75 17.49
C ARG B 264 -19.29 15.39 16.17
N VAL B 265 -19.70 16.00 15.05
CA VAL B 265 -19.19 15.59 13.74
C VAL B 265 -17.69 15.93 13.63
N ALA B 266 -17.30 17.07 14.18
CA ALA B 266 -15.86 17.39 14.26
C ALA B 266 -15.10 16.33 15.05
N LYS B 267 -15.60 15.98 16.26
CA LYS B 267 -14.80 15.10 17.12
C LYS B 267 -14.86 13.64 16.69
N GLU B 268 -16.00 13.19 16.15
CA GLU B 268 -16.24 11.80 15.90
C GLU B 268 -16.08 11.37 14.46
N GLU B 269 -16.18 12.34 13.50
CA GLU B 269 -15.89 12.07 12.10
C GLU B 269 -14.65 12.80 11.62
N GLY B 270 -14.15 13.76 12.39
CA GLY B 270 -13.05 14.54 11.81
C GLY B 270 -13.47 15.55 10.75
N ILE B 271 -14.73 15.95 10.71
CA ILE B 271 -15.27 16.83 9.67
C ILE B 271 -15.69 18.09 10.41
N LEU B 272 -14.92 19.16 10.24
CA LEU B 272 -15.05 20.40 10.98
C LEU B 272 -15.86 21.38 10.14
N ALA B 273 -17.17 21.52 10.44
CA ALA B 273 -18.02 22.32 9.56
C ALA B 273 -18.78 23.35 10.39
N GLY B 274 -19.49 24.26 9.70
CA GLY B 274 -20.21 25.34 10.32
C GLY B 274 -21.55 24.92 10.95
N ILE B 275 -22.23 25.94 11.48
CA ILE B 275 -23.50 25.71 12.20
C ILE B 275 -24.55 25.10 11.26
N SER B 276 -24.65 25.61 10.01
CA SER B 276 -25.71 25.12 9.13
C SER B 276 -25.41 23.71 8.70
N SER B 277 -24.14 23.30 8.74
CA SER B 277 -23.82 21.88 8.46
C SER B 277 -24.32 20.98 9.58
N GLY B 278 -24.21 21.43 10.84
CA GLY B 278 -24.70 20.58 11.91
C GLY B 278 -26.21 20.43 11.84
N ALA B 279 -26.90 21.48 11.40
CA ALA B 279 -28.34 21.40 11.19
C ALA B 279 -28.66 20.40 10.08
N ALA B 280 -27.88 20.43 9.01
CA ALA B 280 -28.13 19.51 7.90
C ALA B 280 -27.89 18.08 8.31
N ILE B 281 -26.79 17.82 9.02
CA ILE B 281 -26.52 16.46 9.45
C ILE B 281 -27.52 16.01 10.49
N TYR B 282 -27.91 16.89 11.44
CA TYR B 282 -28.94 16.47 12.39
C TYR B 282 -30.22 16.03 11.66
N ALA B 283 -30.69 16.83 10.70
CA ALA B 283 -31.89 16.46 9.93
C ALA B 283 -31.66 15.21 9.12
N ALA B 284 -30.48 15.07 8.49
CA ALA B 284 -30.23 13.87 7.69
C ALA B 284 -30.29 12.60 8.55
N ILE B 285 -29.73 12.65 9.76
CA ILE B 285 -29.73 11.49 10.65
C ILE B 285 -31.16 11.15 11.05
N GLN B 286 -31.96 12.18 11.30
CA GLN B 286 -33.37 11.95 11.64
C GLN B 286 -34.06 11.21 10.49
N LYS B 287 -33.84 11.68 9.26
CA LYS B 287 -34.45 11.02 8.12
C LYS B 287 -33.87 9.61 7.88
N ALA B 288 -32.57 9.39 8.14
CA ALA B 288 -32.00 8.05 7.95
C ALA B 288 -32.58 7.05 8.94
N LYS B 289 -32.84 7.52 10.15
CA LYS B 289 -33.52 6.67 11.14
C LYS B 289 -34.90 6.23 10.66
N GLU B 290 -35.66 7.15 10.04
CA GLU B 290 -36.96 6.80 9.43
C GLU B 290 -36.81 5.76 8.33
N LEU B 291 -35.86 5.97 7.43
CA LEU B 291 -35.79 5.11 6.25
C LEU B 291 -35.18 3.74 6.53
N GLY B 292 -34.20 3.67 7.43
CA GLY B 292 -33.57 2.41 7.82
C GLY B 292 -32.51 1.87 6.86
N LYS B 293 -31.86 0.80 7.32
CA LYS B 293 -30.72 0.21 6.63
C LYS B 293 -31.13 -0.15 5.20
N GLY B 294 -30.18 0.00 4.27
CA GLY B 294 -30.41 -0.27 2.87
C GLY B 294 -30.82 0.95 2.08
N LYS B 295 -31.15 2.05 2.75
CA LYS B 295 -31.50 3.29 2.08
C LYS B 295 -30.28 4.23 2.12
N THR B 296 -30.37 5.34 1.38
CA THR B 296 -29.25 6.26 1.12
C THR B 296 -29.77 7.68 1.24
N VAL B 297 -29.23 8.45 2.19
CA VAL B 297 -29.57 9.84 2.47
C VAL B 297 -28.34 10.70 2.14
N VAL B 298 -28.56 11.85 1.47
CA VAL B 298 -27.46 12.74 1.10
C VAL B 298 -27.77 14.16 1.56
N THR B 299 -26.76 14.91 2.05
CA THR B 299 -26.93 16.33 2.34
C THR B 299 -25.62 17.07 2.02
N VAL B 300 -25.65 18.39 2.23
CA VAL B 300 -24.60 19.33 1.82
C VAL B 300 -24.11 20.02 3.07
N LEU B 301 -22.79 20.13 3.20
CA LEU B 301 -22.21 20.94 4.25
C LEU B 301 -21.72 22.25 3.64
N PRO B 302 -22.32 23.37 3.93
CA PRO B 302 -22.00 24.56 3.14
C PRO B 302 -20.70 25.28 3.42
N SER B 303 -20.18 25.18 4.65
CA SER B 303 -19.07 26.04 5.00
C SER B 303 -18.26 25.36 6.11
N ASN B 304 -17.01 25.87 6.36
CA ASN B 304 -16.08 25.15 7.23
C ASN B 304 -16.11 25.73 8.65
N GLY B 305 -15.86 24.88 9.66
CA GLY B 305 -15.94 25.32 11.05
C GLY B 305 -14.87 26.34 11.43
N GLU B 306 -13.79 26.45 10.65
CA GLU B 306 -12.75 27.46 10.91
C GLU B 306 -13.27 28.88 10.81
N ARG B 307 -14.36 29.07 10.09
CA ARG B 307 -14.99 30.37 9.94
C ARG B 307 -15.87 30.70 11.16
N TYR B 308 -15.98 29.79 12.15
CA TYR B 308 -16.90 29.98 13.25
C TYR B 308 -16.22 29.85 14.62
N LEU B 309 -14.90 30.07 14.68
CA LEU B 309 -14.12 29.91 15.91
C LEU B 309 -14.43 30.94 16.97
N SER B 310 -14.96 32.09 16.58
CA SER B 310 -15.33 33.16 17.49
C SER B 310 -16.84 33.21 17.78
N THR B 311 -17.55 32.15 17.44
CA THR B 311 -18.97 32.00 17.77
C THR B 311 -19.14 30.99 18.89
N PRO B 312 -20.30 30.96 19.50
CA PRO B 312 -20.59 29.91 20.50
C PRO B 312 -20.39 28.48 20.02
N LEU B 313 -20.33 28.27 18.70
CA LEU B 313 -20.23 26.91 18.17
C LEU B 313 -18.98 26.20 18.69
N TYR B 314 -17.84 26.86 18.60
CA TYR B 314 -16.57 26.29 19.01
C TYR B 314 -15.90 27.10 20.12
N SER B 315 -16.60 28.10 20.66
CA SER B 315 -16.09 28.92 21.76
C SER B 315 -17.08 28.96 22.93
N MET C 9 4.97 -34.46 -18.47
CA MET C 9 4.58 -35.66 -17.73
C MET C 9 4.97 -35.57 -16.24
N ALA C 10 4.12 -36.18 -15.41
CA ALA C 10 4.24 -36.14 -13.96
C ALA C 10 4.58 -37.54 -13.44
N GLN C 11 5.41 -37.60 -12.39
CA GLN C 11 5.77 -38.87 -11.77
C GLN C 11 4.49 -39.62 -11.38
N LYS C 12 4.48 -40.93 -11.60
CA LYS C 12 3.42 -41.76 -11.02
C LYS C 12 3.38 -41.60 -9.49
N PRO C 13 2.22 -41.83 -8.85
CA PRO C 13 2.18 -41.64 -7.39
C PRO C 13 3.22 -42.49 -6.69
N VAL C 14 3.75 -41.95 -5.59
CA VAL C 14 4.69 -42.65 -4.74
C VAL C 14 4.10 -42.82 -3.35
N ASP C 15 4.65 -43.77 -2.60
CA ASP C 15 4.23 -44.06 -1.24
C ASP C 15 4.88 -43.16 -0.18
N ASN C 16 5.97 -42.47 -0.51
CA ASN C 16 6.78 -41.71 0.45
C ASN C 16 7.43 -40.54 -0.24
N ILE C 17 7.29 -39.35 0.35
CA ILE C 17 7.85 -38.13 -0.24
C ILE C 17 9.35 -38.25 -0.60
N THR C 18 10.14 -39.06 0.11
CA THR C 18 11.55 -39.17 -0.24
C THR C 18 11.75 -39.77 -1.63
N GLN C 19 10.74 -40.43 -2.19
CA GLN C 19 10.91 -41.00 -3.50
C GLN C 19 10.88 -39.94 -4.57
N ILE C 20 10.59 -38.68 -4.22
CA ILE C 20 10.64 -37.65 -5.24
C ILE C 20 11.92 -36.82 -5.14
N ILE C 21 12.82 -37.13 -4.19
CA ILE C 21 14.13 -36.45 -4.15
C ILE C 21 14.92 -36.76 -5.42
N GLY C 22 15.52 -35.73 -6.04
CA GLY C 22 16.26 -35.96 -7.28
C GLY C 22 15.48 -35.60 -8.54
N GLY C 23 16.12 -35.91 -9.66
CA GLY C 23 15.55 -35.56 -10.96
C GLY C 23 15.33 -34.08 -11.19
N THR C 24 16.29 -33.27 -10.79
CA THR C 24 16.05 -31.84 -10.80
C THR C 24 16.32 -31.21 -12.18
N PRO C 25 15.63 -30.13 -12.51
CA PRO C 25 15.68 -29.60 -13.88
C PRO C 25 16.88 -28.66 -14.03
N VAL C 26 17.12 -28.32 -15.30
CA VAL C 26 18.25 -27.45 -15.71
C VAL C 26 17.72 -26.34 -16.61
N VAL C 27 18.10 -25.08 -16.31
CA VAL C 27 17.64 -23.92 -17.09
C VAL C 27 18.88 -23.26 -17.69
N LYS C 28 18.75 -22.84 -18.94
CA LYS C 28 19.78 -22.02 -19.57
C LYS C 28 19.60 -20.57 -19.15
N LEU C 29 20.68 -19.87 -18.80
CA LEU C 29 20.59 -18.44 -18.50
C LEU C 29 20.55 -17.56 -19.76
N ARG C 30 19.71 -16.50 -19.74
CA ARG C 30 19.44 -15.71 -20.96
C ARG C 30 19.97 -14.30 -20.94
N ASN C 31 19.99 -13.65 -19.80
CA ASN C 31 20.18 -12.20 -19.69
C ASN C 31 21.39 -11.78 -18.88
N VAL C 32 21.80 -12.54 -17.86
CA VAL C 32 22.93 -12.14 -17.05
C VAL C 32 24.27 -12.55 -17.66
N VAL C 33 24.28 -13.34 -18.73
CA VAL C 33 25.54 -13.75 -19.33
C VAL C 33 25.81 -12.83 -20.51
N ASP C 34 27.02 -12.28 -20.55
CA ASP C 34 27.46 -11.35 -21.58
C ASP C 34 27.18 -11.92 -22.96
N ASP C 35 27.03 -11.04 -23.95
CA ASP C 35 26.85 -11.50 -25.31
C ASP C 35 28.08 -12.27 -25.77
N ASN C 36 27.84 -13.34 -26.54
CA ASN C 36 28.92 -14.10 -27.18
C ASN C 36 29.87 -14.75 -26.18
N ALA C 37 29.40 -15.02 -24.96
CA ALA C 37 30.12 -15.87 -24.02
C ALA C 37 29.61 -17.29 -24.21
N ALA C 38 30.19 -18.23 -23.47
CA ALA C 38 29.67 -19.59 -23.53
C ALA C 38 28.24 -19.65 -22.97
N ASP C 39 27.52 -20.69 -23.37
CA ASP C 39 26.22 -20.98 -22.76
C ASP C 39 26.39 -21.40 -21.29
N VAL C 40 25.47 -20.93 -20.43
CA VAL C 40 25.52 -21.22 -18.99
C VAL C 40 24.22 -21.88 -18.59
N TYR C 41 24.32 -23.07 -18.02
CA TYR C 41 23.16 -23.85 -17.56
C TYR C 41 23.24 -24.08 -16.06
N VAL C 42 22.07 -24.02 -15.38
CA VAL C 42 22.01 -24.13 -13.92
C VAL C 42 21.04 -25.23 -13.54
N LYS C 43 21.52 -26.11 -12.64
CA LYS C 43 20.69 -27.22 -12.15
C LYS C 43 20.02 -26.79 -10.87
N LEU C 44 18.67 -26.89 -10.85
CA LEU C 44 17.90 -26.32 -9.71
C LEU C 44 17.73 -27.35 -8.60
N GLU C 45 18.69 -27.41 -7.68
CA GLU C 45 18.58 -28.38 -6.58
C GLU C 45 17.55 -27.97 -5.54
N TYR C 46 17.12 -26.72 -5.54
CA TYR C 46 16.02 -26.34 -4.65
C TYR C 46 14.70 -26.92 -5.09
N GLN C 47 14.61 -27.55 -6.26
CA GLN C 47 13.38 -28.22 -6.65
C GLN C 47 13.24 -29.59 -5.95
N ASN C 48 14.22 -30.06 -5.24
CA ASN C 48 14.02 -31.18 -4.35
C ASN C 48 12.92 -30.84 -3.32
N PRO C 49 12.20 -31.84 -2.84
CA PRO C 49 10.96 -31.52 -2.06
C PRO C 49 11.23 -30.90 -0.76
N GLY C 50 12.42 -31.08 -0.18
CA GLY C 50 12.74 -30.39 1.04
C GLY C 50 13.38 -29.05 0.84
N GLY C 51 13.63 -28.64 -0.40
CA GLY C 51 14.09 -27.30 -0.68
C GLY C 51 15.59 -27.09 -0.94
N SER C 52 16.40 -28.14 -0.90
CA SER C 52 17.82 -27.92 -1.20
C SER C 52 18.47 -29.22 -1.67
N VAL C 53 19.73 -29.06 -2.13
CA VAL C 53 20.53 -30.21 -2.50
C VAL C 53 20.71 -31.22 -1.35
N1 LLP C 54 25.21 -24.01 -0.94
C2 LLP C 54 24.24 -24.33 -0.11
C2' LLP C 54 23.15 -23.26 0.14
C3 LLP C 54 24.30 -25.63 0.50
O3 LLP C 54 23.33 -26.01 1.30
C4 LLP C 54 25.35 -26.51 0.28
C4' LLP C 54 25.46 -27.96 0.97
C5 LLP C 54 26.30 -26.15 -0.61
C6 LLP C 54 26.25 -24.90 -1.22
C5' LLP C 54 27.51 -27.09 -0.90
OP4 LLP C 54 27.22 -28.38 -1.34
P LLP C 54 28.19 -29.50 -0.92
OP1 LLP C 54 28.03 -29.71 0.57
OP2 LLP C 54 29.63 -29.03 -1.22
OP3 LLP C 54 27.87 -30.71 -1.73
N LLP C 54 20.65 -30.72 -0.11
CA LLP C 54 20.91 -31.60 1.01
CB LLP C 54 21.13 -30.80 2.33
CG LLP C 54 22.18 -29.70 2.26
CD LLP C 54 23.57 -30.38 2.09
CE LLP C 54 24.75 -29.44 2.60
NZ LLP C 54 24.63 -28.06 2.10
C LLP C 54 19.84 -32.66 1.22
O LLP C 54 20.17 -33.61 1.89
N ASP C 55 18.67 -32.52 0.65
CA ASP C 55 17.74 -33.70 0.61
C ASP C 55 18.52 -34.93 0.15
N ARG C 56 19.38 -34.77 -0.87
CA ARG C 56 20.04 -35.95 -1.45
C ARG C 56 20.88 -36.68 -0.43
N ILE C 57 21.70 -35.92 0.29
CA ILE C 57 22.63 -36.59 1.19
C ILE C 57 21.95 -37.01 2.48
N ALA C 58 20.93 -36.26 2.91
CA ALA C 58 20.16 -36.71 4.08
C ALA C 58 19.53 -38.07 3.81
N LEU C 59 18.86 -38.22 2.66
CA LEU C 59 18.35 -39.54 2.31
C LEU C 59 19.47 -40.55 2.21
N ALA C 60 20.56 -40.22 1.51
CA ALA C 60 21.56 -41.24 1.30
C ALA C 60 22.24 -41.69 2.60
N MET C 61 22.50 -40.78 3.55
CA MET C 61 23.21 -41.23 4.74
C MET C 61 22.27 -42.07 5.61
N ILE C 62 20.98 -41.71 5.68
CA ILE C 62 20.03 -42.48 6.48
C ILE C 62 19.84 -43.87 5.85
N GLU C 63 19.69 -43.93 4.52
CA GLU C 63 19.47 -45.24 3.89
C GLU C 63 20.70 -46.11 3.98
N LYS C 64 21.91 -45.54 3.89
CA LYS C 64 23.10 -46.37 4.06
C LYS C 64 23.23 -46.91 5.48
N ALA C 65 22.93 -46.08 6.49
CA ALA C 65 23.00 -46.55 7.88
C ALA C 65 21.97 -47.63 8.16
N GLU C 66 20.77 -47.47 7.59
CA GLU C 66 19.70 -48.47 7.71
C GLU C 66 20.13 -49.80 7.08
N ARG C 67 20.67 -49.76 5.86
CA ARG C 67 21.15 -50.99 5.21
C ARG C 67 22.24 -51.68 6.00
N GLU C 68 23.09 -50.90 6.65
CA GLU C 68 24.21 -51.47 7.37
C GLU C 68 23.82 -51.92 8.77
N GLY C 69 22.55 -51.81 9.13
CA GLY C 69 22.09 -52.16 10.46
C GLY C 69 22.55 -51.25 11.57
N LYS C 70 23.07 -50.08 11.22
CA LYS C 70 23.50 -49.12 12.23
C LYS C 70 22.34 -48.44 12.89
N ILE C 71 21.23 -48.23 12.16
CA ILE C 71 20.00 -47.67 12.68
C ILE C 71 18.81 -48.43 12.11
N LYS C 72 17.68 -48.29 12.78
CA LYS C 72 16.39 -48.83 12.40
C LYS C 72 15.34 -47.78 12.72
N PRO C 73 14.19 -47.82 12.03
CA PRO C 73 13.18 -46.80 12.28
C PRO C 73 12.85 -46.71 13.77
N GLY C 74 12.65 -45.48 14.22
CA GLY C 74 12.48 -45.15 15.59
C GLY C 74 13.74 -44.68 16.29
N ASP C 75 14.92 -44.95 15.73
CA ASP C 75 16.17 -44.52 16.38
C ASP C 75 16.35 -43.01 16.24
N THR C 76 17.24 -42.52 17.07
CA THR C 76 17.58 -41.12 17.14
C THR C 76 18.95 -40.91 16.50
N ILE C 77 19.02 -39.85 15.65
CA ILE C 77 20.29 -39.42 15.08
C ILE C 77 20.63 -38.04 15.63
N VAL C 78 21.90 -37.66 15.56
CA VAL C 78 22.31 -36.32 15.99
C VAL C 78 23.28 -35.77 14.94
N GLU C 79 23.17 -34.47 14.64
CA GLU C 79 24.13 -33.80 13.73
C GLU C 79 24.29 -32.35 14.17
N PRO C 80 25.52 -31.83 14.21
CA PRO C 80 25.72 -30.39 14.45
C PRO C 80 25.60 -29.65 13.12
N THR C 81 24.59 -28.78 13.03
CA THR C 81 24.28 -28.05 11.78
C THR C 81 23.35 -26.89 12.03
N SER C 82 23.75 -25.72 11.50
CA SER C 82 22.94 -24.52 11.47
C SER C 82 22.25 -24.31 10.13
N GLY C 83 22.48 -25.22 9.18
CA GLY C 83 22.16 -24.94 7.79
C GLY C 83 21.22 -25.94 7.12
N ASN C 84 21.35 -26.01 5.79
CA ASN C 84 20.43 -26.82 5.00
C ASN C 84 20.54 -28.34 5.27
N THR C 85 21.66 -28.82 5.82
CA THR C 85 21.73 -30.22 6.19
C THR C 85 20.78 -30.53 7.33
N GLY C 86 20.64 -29.61 8.28
CA GLY C 86 19.65 -29.80 9.33
C GLY C 86 18.24 -29.90 8.79
N ILE C 87 17.89 -29.00 7.85
CA ILE C 87 16.55 -29.06 7.24
C ILE C 87 16.38 -30.39 6.51
N GLY C 88 17.39 -30.77 5.73
CA GLY C 88 17.32 -32.02 4.98
C GLY C 88 17.17 -33.25 5.86
N LEU C 89 17.94 -33.30 6.94
CA LEU C 89 17.83 -34.43 7.85
C LEU C 89 16.52 -34.38 8.62
N ALA C 90 16.04 -33.19 8.97
CA ALA C 90 14.75 -33.12 9.67
C ALA C 90 13.62 -33.64 8.77
N PHE C 91 13.63 -33.21 7.51
CA PHE C 91 12.67 -33.66 6.53
C PHE C 91 12.74 -35.18 6.36
N VAL C 92 13.93 -35.73 6.05
CA VAL C 92 14.04 -37.15 5.77
C VAL C 92 13.68 -37.98 7.01
N CYS C 93 14.06 -37.52 8.21
CA CYS C 93 13.73 -38.31 9.41
C CYS C 93 12.22 -38.33 9.62
N ALA C 94 11.54 -37.20 9.40
CA ALA C 94 10.07 -37.22 9.48
C ALA C 94 9.48 -38.20 8.48
N ALA C 95 9.97 -38.18 7.24
CA ALA C 95 9.44 -39.06 6.21
C ALA C 95 9.74 -40.52 6.47
N LYS C 96 10.84 -40.82 7.15
CA LYS C 96 11.27 -42.20 7.24
C LYS C 96 11.06 -42.76 8.64
N GLY C 97 10.58 -41.96 9.59
CA GLY C 97 10.30 -42.51 10.92
C GLY C 97 11.47 -42.52 11.90
N TYR C 98 12.40 -41.56 11.80
CA TYR C 98 13.50 -41.42 12.72
C TYR C 98 13.32 -40.17 13.57
N LYS C 99 14.03 -40.12 14.70
CA LYS C 99 14.02 -38.95 15.59
C LYS C 99 15.31 -38.19 15.30
N ALA C 100 15.21 -36.92 14.98
CA ALA C 100 16.39 -36.11 14.77
C ALA C 100 16.65 -35.19 15.96
N VAL C 101 17.92 -35.09 16.35
CA VAL C 101 18.43 -34.12 17.33
C VAL C 101 19.49 -33.29 16.61
N PHE C 102 19.38 -31.97 16.63
CA PHE C 102 20.40 -31.10 16.04
C PHE C 102 21.02 -30.25 17.14
N THR C 103 22.34 -30.08 17.10
CA THR C 103 22.98 -29.05 17.90
C THR C 103 23.36 -27.89 17.01
N MET C 104 23.28 -26.72 17.58
CA MET C 104 23.57 -25.48 16.88
C MET C 104 23.74 -24.31 17.82
N PRO C 105 24.58 -23.35 17.48
CA PRO C 105 24.65 -22.16 18.33
C PRO C 105 23.29 -21.46 18.42
N GLU C 106 22.99 -20.90 19.62
CA GLU C 106 21.70 -20.27 19.94
C GLU C 106 21.42 -19.02 19.09
N THR C 107 22.34 -18.65 18.21
CA THR C 107 22.14 -17.56 17.27
C THR C 107 21.18 -17.90 16.11
N MET C 108 20.68 -19.12 15.99
CA MET C 108 19.70 -19.46 14.94
C MET C 108 18.35 -18.75 15.13
N SER C 109 17.69 -18.42 13.99
CA SER C 109 16.49 -17.60 14.07
C SER C 109 15.32 -18.40 14.61
N GLN C 110 14.34 -17.70 15.17
CA GLN C 110 13.14 -18.41 15.60
C GLN C 110 12.42 -19.08 14.42
N GLU C 111 12.44 -18.47 13.22
CA GLU C 111 11.79 -19.07 12.05
C GLU C 111 12.46 -20.39 11.66
N ARG C 112 13.80 -20.39 11.58
CA ARG C 112 14.55 -21.61 11.26
C ARG C 112 14.38 -22.70 12.30
N ARG C 113 14.43 -22.32 13.58
CA ARG C 113 14.01 -23.22 14.64
C ARG C 113 12.63 -23.80 14.36
N ASN C 114 11.69 -22.93 13.98
CA ASN C 114 10.33 -23.41 13.76
C ASN C 114 10.29 -24.42 12.62
N LEU C 115 11.12 -24.18 11.60
CA LEU C 115 11.13 -25.07 10.44
C LEU C 115 11.60 -26.46 10.85
N LEU C 116 12.68 -26.54 11.66
CA LEU C 116 13.13 -27.85 12.10
C LEU C 116 12.14 -28.51 13.03
N LYS C 117 11.54 -27.72 13.95
CA LYS C 117 10.56 -28.28 14.86
C LYS C 117 9.27 -28.67 14.16
N ALA C 118 8.97 -28.03 13.00
CA ALA C 118 7.77 -28.40 12.24
C ALA C 118 7.86 -29.84 11.76
N TYR C 119 9.07 -30.31 11.50
CA TYR C 119 9.28 -31.69 11.17
C TYR C 119 9.46 -32.60 12.39
N GLY C 120 9.30 -32.05 13.61
CA GLY C 120 9.44 -32.93 14.77
C GLY C 120 10.82 -33.04 15.36
N ALA C 121 11.81 -32.33 14.80
CA ALA C 121 13.14 -32.44 15.35
C ALA C 121 13.25 -31.78 16.71
N GLU C 122 14.25 -32.26 17.48
CA GLU C 122 14.61 -31.75 18.78
C GLU C 122 15.86 -30.89 18.65
N LEU C 123 15.86 -29.69 19.25
CA LEU C 123 16.98 -28.78 19.07
C LEU C 123 17.73 -28.63 20.38
N VAL C 124 19.05 -28.62 20.33
CA VAL C 124 19.91 -28.40 21.50
C VAL C 124 20.76 -27.17 21.17
N LEU C 125 20.45 -26.04 21.80
CA LEU C 125 21.10 -24.78 21.51
C LEU C 125 22.37 -24.65 22.32
N THR C 126 23.49 -24.35 21.63
CA THR C 126 24.76 -24.23 22.30
C THR C 126 25.18 -22.75 22.35
N PRO C 127 26.16 -22.41 23.19
CA PRO C 127 26.43 -20.99 23.48
C PRO C 127 26.73 -20.19 22.23
N GLY C 128 26.05 -19.05 22.06
CA GLY C 128 26.26 -18.27 20.84
C GLY C 128 27.71 -17.90 20.61
N SER C 129 28.45 -17.62 21.68
CA SER C 129 29.83 -17.18 21.57
C SER C 129 30.78 -18.30 21.18
N GLU C 130 30.33 -19.54 21.28
CA GLU C 130 31.14 -20.70 20.92
C GLU C 130 30.90 -21.19 19.48
N ALA C 131 29.92 -20.63 18.79
CA ALA C 131 29.74 -20.79 17.32
C ALA C 131 29.61 -22.29 16.99
N MET C 132 30.19 -22.75 15.87
CA MET C 132 30.02 -24.16 15.51
C MET C 132 30.87 -25.08 16.36
N LYS C 133 31.98 -24.57 16.93
CA LYS C 133 32.76 -25.40 17.83
C LYS C 133 31.89 -25.92 18.98
N GLY C 134 31.06 -25.05 19.57
CA GLY C 134 30.23 -25.49 20.68
C GLY C 134 29.21 -26.52 20.26
N ALA C 135 28.64 -26.33 19.06
CA ALA C 135 27.68 -27.31 18.56
C ALA C 135 28.32 -28.67 18.28
N ILE C 136 29.51 -28.68 17.67
CA ILE C 136 30.13 -29.95 17.33
C ILE C 136 30.49 -30.72 18.59
N LYS C 137 31.00 -29.99 19.60
CA LYS C 137 31.35 -30.62 20.85
C LYS C 137 30.13 -31.26 21.51
N LYS C 138 29.01 -30.52 21.62
CA LYS C 138 27.79 -31.05 22.22
C LYS C 138 27.25 -32.27 21.45
N ALA C 139 27.30 -32.25 20.09
CA ALA C 139 26.84 -33.43 19.35
C ALA C 139 27.69 -34.66 19.64
N LYS C 140 29.03 -34.50 19.74
CA LYS C 140 29.90 -35.60 20.11
C LYS C 140 29.59 -36.09 21.53
N GLU C 141 29.38 -35.15 22.46
CA GLU C 141 29.04 -35.56 23.83
C GLU C 141 27.74 -36.36 23.86
N LEU C 142 26.73 -35.91 23.10
CA LEU C 142 25.47 -36.64 23.12
C LEU C 142 25.64 -37.99 22.45
N LYS C 143 26.39 -38.05 21.35
CA LYS C 143 26.64 -39.33 20.70
C LYS C 143 27.31 -40.32 21.65
N GLU C 144 28.37 -39.90 22.32
CA GLU C 144 29.08 -40.81 23.23
C GLU C 144 28.23 -41.18 24.43
N GLU C 145 27.49 -40.21 24.98
CA GLU C 145 26.67 -40.48 26.17
C GLU C 145 25.52 -41.42 25.87
N HIS C 146 24.82 -41.20 24.74
CA HIS C 146 23.53 -41.85 24.52
C HIS C 146 23.55 -42.88 23.41
N GLY C 147 24.60 -42.92 22.58
CA GLY C 147 24.59 -43.89 21.50
C GLY C 147 23.84 -43.42 20.26
N TYR C 148 23.58 -42.11 20.12
CA TYR C 148 22.92 -41.64 18.90
C TYR C 148 23.81 -41.90 17.69
N PHE C 149 23.14 -42.06 16.52
CA PHE C 149 23.88 -42.20 15.26
C PHE C 149 24.20 -40.82 14.72
N GLU C 150 25.46 -40.59 14.33
CA GLU C 150 25.87 -39.29 13.73
C GLU C 150 26.10 -39.48 12.25
N PRO C 151 25.28 -38.84 11.38
CA PRO C 151 25.54 -38.96 9.93
C PRO C 151 26.94 -38.50 9.54
N GLN C 152 27.41 -37.39 10.10
CA GLN C 152 28.74 -36.81 9.85
C GLN C 152 28.89 -36.38 8.39
N GLN C 153 28.18 -35.31 8.02
CA GLN C 153 28.13 -34.90 6.60
C GLN C 153 29.50 -34.61 6.00
N PHE C 154 30.50 -34.22 6.79
CA PHE C 154 31.82 -33.88 6.24
C PHE C 154 32.77 -35.10 6.12
N GLU C 155 32.36 -36.28 6.62
CA GLU C 155 33.18 -37.47 6.47
C GLU C 155 32.48 -38.66 5.87
N ASN C 156 31.17 -38.68 5.80
CA ASN C 156 30.47 -39.85 5.38
C ASN C 156 30.59 -40.07 3.87
N PRO C 157 31.17 -41.17 3.41
CA PRO C 157 31.30 -41.39 1.96
C PRO C 157 30.00 -41.48 1.22
N ALA C 158 28.85 -41.72 1.90
CA ALA C 158 27.59 -41.75 1.17
C ALA C 158 27.24 -40.39 0.60
N ASN C 159 27.82 -39.33 1.14
CA ASN C 159 27.60 -37.98 0.60
C ASN C 159 28.15 -37.87 -0.85
N PRO C 160 29.46 -37.90 -1.07
CA PRO C 160 29.91 -37.83 -2.49
C PRO C 160 29.35 -38.97 -3.33
N GLU C 161 29.15 -40.18 -2.73
CA GLU C 161 28.62 -41.27 -3.52
C GLU C 161 27.23 -40.96 -4.07
N VAL C 162 26.34 -40.31 -3.30
CA VAL C 162 25.00 -40.14 -3.84
C VAL C 162 25.08 -39.21 -5.05
N HIS C 163 26.01 -38.24 -5.06
CA HIS C 163 26.17 -37.39 -6.23
C HIS C 163 26.75 -38.14 -7.43
N GLU C 164 27.56 -39.12 -7.17
CA GLU C 164 28.07 -40.00 -8.22
C GLU C 164 26.98 -40.87 -8.81
N LEU C 165 25.93 -41.19 -8.03
CA LEU C 165 24.92 -42.12 -8.49
C LEU C 165 23.69 -41.43 -9.05
N THR C 166 23.42 -40.20 -8.60
CA THR C 166 22.17 -39.53 -8.94
C THR C 166 22.48 -38.20 -9.62
N THR C 167 22.98 -37.19 -8.91
CA THR C 167 23.15 -35.85 -9.50
C THR C 167 23.98 -35.88 -10.81
N GLY C 168 25.11 -36.56 -10.77
CA GLY C 168 26.03 -36.62 -11.91
C GLY C 168 25.40 -37.32 -13.09
N PRO C 169 24.87 -38.53 -12.88
CA PRO C 169 24.18 -39.23 -14.00
C PRO C 169 22.97 -38.49 -14.52
N GLU C 170 22.25 -37.77 -13.67
CA GLU C 170 21.19 -36.91 -14.18
C GLU C 170 21.74 -35.91 -15.20
N LEU C 171 22.84 -35.22 -14.85
CA LEU C 171 23.42 -34.27 -15.76
C LEU C 171 23.83 -34.97 -17.06
N LEU C 172 24.38 -36.19 -16.95
CA LEU C 172 24.77 -36.85 -18.21
C LEU C 172 23.55 -37.10 -19.08
N GLN C 173 22.41 -37.50 -18.51
CA GLN C 173 21.20 -37.64 -19.31
C GLN C 173 20.75 -36.30 -19.88
N GLN C 174 20.84 -35.25 -19.06
CA GLN C 174 20.36 -33.96 -19.49
C GLN C 174 21.21 -33.37 -20.59
N PHE C 175 22.50 -33.73 -20.66
CA PHE C 175 23.39 -33.23 -21.71
C PHE C 175 23.77 -34.30 -22.73
N GLU C 176 22.95 -35.33 -22.89
CA GLU C 176 23.13 -36.23 -24.03
C GLU C 176 23.13 -35.43 -25.33
N GLY C 177 24.10 -35.70 -26.19
CA GLY C 177 24.17 -34.92 -27.43
C GLY C 177 24.99 -33.66 -27.31
N LYS C 178 25.47 -33.33 -26.13
CA LYS C 178 26.22 -32.14 -25.95
C LYS C 178 27.49 -32.57 -25.22
N THR C 179 28.46 -31.72 -25.27
CA THR C 179 29.68 -31.85 -24.50
C THR C 179 29.64 -30.75 -23.45
N ILE C 180 29.97 -31.09 -22.20
CA ILE C 180 30.16 -30.06 -21.20
C ILE C 180 31.61 -29.67 -21.16
N ASP C 181 31.89 -28.38 -21.28
CA ASP C 181 33.27 -27.91 -21.26
C ASP C 181 33.79 -27.57 -19.87
N ALA C 182 32.90 -27.13 -18.98
CA ALA C 182 33.29 -26.78 -17.62
C ALA C 182 32.09 -27.03 -16.71
N PHE C 183 32.37 -27.59 -15.56
CA PHE C 183 31.39 -27.78 -14.48
C PHE C 183 31.97 -27.11 -13.26
N LEU C 184 31.17 -26.26 -12.59
CA LEU C 184 31.62 -25.51 -11.43
C LEU C 184 30.63 -25.75 -10.30
N ALA C 185 31.16 -25.79 -9.08
CA ALA C 185 30.24 -25.93 -7.93
C ALA C 185 30.88 -25.38 -6.67
N GLY C 186 30.08 -24.63 -5.92
CA GLY C 186 30.50 -24.25 -4.59
C GLY C 186 30.79 -25.44 -3.69
N VAL C 187 31.80 -25.31 -2.81
CA VAL C 187 32.19 -26.40 -1.91
C VAL C 187 31.73 -26.08 -0.47
N GLY C 188 30.79 -26.91 0.04
CA GLY C 188 30.43 -26.88 1.46
C GLY C 188 31.09 -28.11 2.08
N THR C 189 30.39 -29.25 1.99
CA THR C 189 31.04 -30.55 2.22
C THR C 189 31.96 -30.99 1.05
N GLY C 190 31.73 -30.44 -0.13
CA GLY C 190 32.45 -30.94 -1.30
C GLY C 190 31.84 -32.13 -1.96
N GLY C 191 30.73 -32.66 -1.42
CA GLY C 191 30.20 -33.88 -2.01
C GLY C 191 29.71 -33.67 -3.42
N THR C 192 29.03 -32.54 -3.68
CA THR C 192 28.48 -32.28 -5.02
C THR C 192 29.61 -32.20 -6.06
N LEU C 193 30.58 -31.35 -5.79
CA LEU C 193 31.69 -31.24 -6.73
C LEU C 193 32.41 -32.58 -6.94
N SER C 194 32.64 -33.33 -5.85
CA SER C 194 33.41 -34.56 -5.96
C SER C 194 32.66 -35.65 -6.72
N GLY C 195 31.38 -35.84 -6.41
CA GLY C 195 30.62 -36.90 -7.06
C GLY C 195 30.25 -36.57 -8.50
N VAL C 196 29.72 -35.36 -8.72
CA VAL C 196 29.44 -34.92 -10.08
C VAL C 196 30.73 -34.85 -10.87
N GLY C 197 31.77 -34.23 -10.34
CA GLY C 197 33.03 -34.11 -11.11
C GLY C 197 33.56 -35.46 -11.57
N LYS C 198 33.55 -36.47 -10.70
CA LYS C 198 34.01 -37.81 -11.09
C LYS C 198 33.21 -38.33 -12.29
N VAL C 199 31.92 -38.24 -12.25
CA VAL C 199 31.08 -38.77 -13.31
C VAL C 199 31.30 -38.00 -14.60
N LEU C 200 31.41 -36.66 -14.50
CA LEU C 200 31.47 -35.90 -15.75
C LEU C 200 32.85 -36.08 -16.39
N LYS C 201 33.93 -36.16 -15.57
CA LYS C 201 35.29 -36.38 -16.10
C LYS C 201 35.41 -37.70 -16.84
N LYS C 202 34.74 -38.75 -16.37
CA LYS C 202 34.77 -40.03 -17.07
C LYS C 202 34.14 -39.90 -18.46
N GLU C 203 33.02 -39.21 -18.56
CA GLU C 203 32.36 -39.08 -19.85
C GLU C 203 33.08 -38.07 -20.75
N TYR C 204 33.62 -37.01 -20.16
CA TYR C 204 34.17 -35.86 -20.87
C TYR C 204 35.57 -35.62 -20.34
N PRO C 205 36.59 -36.33 -20.86
CA PRO C 205 37.88 -36.30 -20.17
C PRO C 205 38.64 -34.97 -20.29
N ASN C 206 38.20 -34.05 -21.17
CA ASN C 206 38.80 -32.73 -21.30
C ASN C 206 38.04 -31.65 -20.56
N ILE C 207 37.02 -32.05 -19.76
CA ILE C 207 36.23 -31.05 -19.02
C ILE C 207 37.08 -30.36 -18.00
N GLU C 208 36.77 -29.09 -17.73
CA GLU C 208 37.35 -28.41 -16.57
C GLU C 208 36.38 -28.49 -15.40
N ILE C 209 36.89 -28.88 -14.24
CA ILE C 209 36.09 -28.95 -13.00
C ILE C 209 36.60 -27.85 -12.09
N VAL C 210 35.70 -26.99 -11.63
CA VAL C 210 36.11 -25.79 -10.90
C VAL C 210 35.41 -25.72 -9.54
N ALA C 211 36.21 -25.64 -8.46
CA ALA C 211 35.73 -25.44 -7.08
C ALA C 211 35.46 -23.95 -6.87
N ILE C 212 34.35 -23.62 -6.22
CA ILE C 212 34.07 -22.25 -5.78
C ILE C 212 34.10 -22.17 -4.25
N GLU C 213 34.78 -21.15 -3.74
CA GLU C 213 34.88 -20.94 -2.30
C GLU C 213 34.82 -19.43 -2.01
N PRO C 214 34.62 -19.01 -0.78
CA PRO C 214 34.52 -17.58 -0.48
C PRO C 214 35.92 -16.94 -0.49
N GLU C 215 35.99 -15.75 -1.08
CA GLU C 215 37.28 -15.03 -1.03
C GLU C 215 37.68 -14.74 0.42
N ALA C 216 36.70 -14.62 1.34
CA ALA C 216 36.95 -14.32 2.75
C ALA C 216 37.36 -15.53 3.55
N SER C 217 37.29 -16.74 2.97
CA SER C 217 37.73 -17.95 3.68
C SER C 217 38.32 -18.93 2.66
N PRO C 218 39.45 -18.57 2.06
CA PRO C 218 39.91 -19.28 0.85
C PRO C 218 40.81 -20.46 1.17
N VAL C 219 40.26 -21.46 1.87
CA VAL C 219 41.09 -22.53 2.42
C VAL C 219 41.57 -23.49 1.34
N LEU C 220 40.77 -23.76 0.33
CA LEU C 220 41.23 -24.64 -0.75
C LEU C 220 42.39 -24.02 -1.53
N SER C 221 42.36 -22.68 -1.63
CA SER C 221 43.43 -21.93 -2.30
C SER C 221 44.67 -21.83 -1.43
N GLY C 222 44.61 -22.31 -0.22
CA GLY C 222 45.77 -22.27 0.68
C GLY C 222 45.78 -21.13 1.67
N GLY C 223 44.70 -20.37 1.74
CA GLY C 223 44.60 -19.24 2.64
C GLY C 223 44.02 -19.67 3.96
N GLU C 224 43.77 -18.69 4.76
CA GLU C 224 43.28 -18.96 6.12
C GLU C 224 41.75 -18.97 6.19
N PRO C 225 41.17 -19.80 7.06
CA PRO C 225 39.72 -19.70 7.34
C PRO C 225 39.38 -18.39 8.00
N GLY C 226 38.20 -17.90 7.65
CA GLY C 226 37.66 -16.72 8.28
C GLY C 226 36.15 -16.63 8.12
N PRO C 227 35.52 -15.75 8.86
CA PRO C 227 34.07 -15.55 8.70
C PRO C 227 33.71 -15.00 7.33
N HIS C 228 32.56 -15.44 6.81
CA HIS C 228 32.09 -15.01 5.50
C HIS C 228 30.58 -15.18 5.49
N LYS C 229 29.97 -14.74 4.40
CA LYS C 229 28.51 -14.70 4.30
C LYS C 229 27.96 -15.65 3.26
N LEU C 230 28.81 -16.50 2.65
CA LEU C 230 28.31 -17.39 1.58
C LEU C 230 27.75 -18.65 2.25
N GLN C 231 26.49 -18.55 2.74
CA GLN C 231 25.90 -19.69 3.46
C GLN C 231 25.91 -20.94 2.58
N GLY C 232 26.24 -22.05 3.17
CA GLY C 232 26.37 -23.31 2.45
C GLY C 232 27.78 -23.65 2.05
N LEU C 233 28.66 -22.65 2.01
CA LEU C 233 30.05 -22.79 1.55
C LEU C 233 31.00 -22.47 2.70
N GLY C 234 32.29 -22.68 2.43
CA GLY C 234 33.33 -22.24 3.32
C GLY C 234 33.32 -22.77 4.72
N ALA C 235 33.51 -24.09 4.87
CA ALA C 235 33.54 -24.71 6.19
C ALA C 235 34.77 -24.34 7.00
N GLY C 236 35.82 -23.81 6.35
CA GLY C 236 37.01 -23.41 7.10
C GLY C 236 37.98 -24.53 7.37
N PHE C 237 37.85 -25.64 6.66
CA PHE C 237 38.76 -26.78 6.67
C PHE C 237 38.48 -27.56 5.39
N ILE C 238 39.34 -28.51 5.08
CA ILE C 238 39.16 -29.38 3.92
C ILE C 238 38.34 -30.60 4.35
N PRO C 239 37.09 -30.71 3.91
CA PRO C 239 36.28 -31.84 4.37
C PRO C 239 36.84 -33.17 3.85
N GLY C 240 36.60 -34.22 4.65
CA GLY C 240 36.90 -35.59 4.20
C GLY C 240 36.14 -35.96 2.94
N THR C 241 34.96 -35.40 2.78
CA THR C 241 34.10 -35.68 1.65
C THR C 241 34.47 -34.89 0.40
N LEU C 242 35.50 -34.05 0.46
CA LEU C 242 35.99 -33.34 -0.73
C LEU C 242 37.18 -34.10 -1.30
N ASN C 243 37.11 -34.49 -2.58
CA ASN C 243 38.28 -35.02 -3.30
C ASN C 243 39.09 -33.85 -3.82
N THR C 244 40.19 -33.52 -3.12
CA THR C 244 40.96 -32.33 -3.50
C THR C 244 41.65 -32.47 -4.84
N GLU C 245 41.62 -33.67 -5.45
CA GLU C 245 42.19 -33.89 -6.78
C GLU C 245 41.18 -33.68 -7.88
N ILE C 246 39.89 -33.50 -7.56
CA ILE C 246 38.88 -33.50 -8.62
C ILE C 246 38.89 -32.19 -9.43
N TYR C 247 39.26 -31.07 -8.80
CA TYR C 247 39.19 -29.80 -9.48
C TYR C 247 40.52 -29.39 -10.13
N ASP C 248 40.37 -28.79 -11.32
CA ASP C 248 41.50 -28.22 -12.05
C ASP C 248 41.82 -26.81 -11.61
N SER C 249 40.85 -26.09 -11.06
CA SER C 249 41.10 -24.73 -10.62
C SER C 249 40.08 -24.36 -9.55
N ILE C 250 40.26 -23.17 -8.97
CA ILE C 250 39.43 -22.63 -7.90
C ILE C 250 39.07 -21.20 -8.28
N ILE C 251 37.80 -20.85 -8.09
CA ILE C 251 37.38 -19.46 -8.20
C ILE C 251 36.88 -18.99 -6.86
N LYS C 252 37.43 -17.89 -6.37
CA LYS C 252 37.04 -17.27 -5.10
C LYS C 252 36.04 -16.16 -5.39
N VAL C 253 34.98 -16.09 -4.57
CA VAL C 253 33.91 -15.12 -4.76
C VAL C 253 33.69 -14.34 -3.47
N GLY C 254 33.54 -13.03 -3.62
CA GLY C 254 33.27 -12.19 -2.45
C GLY C 254 31.81 -12.19 -1.99
N ASN C 255 31.61 -11.73 -0.75
CA ASN C 255 30.25 -11.71 -0.20
C ASN C 255 29.32 -10.84 -1.04
N ASP C 256 29.74 -9.63 -1.35
CA ASP C 256 28.82 -8.72 -2.01
C ASP C 256 28.60 -9.13 -3.44
N THR C 257 29.65 -9.61 -4.12
CA THR C 257 29.56 -10.10 -5.49
C THR C 257 28.50 -11.18 -5.61
N ALA C 258 28.52 -12.13 -4.68
CA ALA C 258 27.58 -13.24 -4.77
C ALA C 258 26.14 -12.76 -4.53
N MET C 259 25.94 -11.86 -3.56
CA MET C 259 24.58 -11.36 -3.27
C MET C 259 24.04 -10.52 -4.44
N GLU C 260 24.88 -9.67 -5.02
CA GLU C 260 24.48 -8.90 -6.18
C GLU C 260 24.05 -9.79 -7.33
N MET C 261 24.72 -10.92 -7.54
CA MET C 261 24.38 -11.76 -8.69
C MET C 261 23.06 -12.48 -8.46
N SER C 262 22.84 -12.89 -7.22
CA SER C 262 21.57 -13.53 -6.91
C SER C 262 20.41 -12.58 -7.13
N ARG C 263 20.58 -11.31 -6.79
CA ARG C 263 19.53 -10.33 -7.07
C ARG C 263 19.30 -10.13 -8.56
N ARG C 264 20.37 -10.06 -9.36
CA ARG C 264 20.23 -9.95 -10.80
C ARG C 264 19.48 -11.17 -11.37
N VAL C 265 19.82 -12.36 -10.90
CA VAL C 265 19.26 -13.58 -11.47
C VAL C 265 17.78 -13.70 -11.14
N ALA C 266 17.40 -13.26 -9.96
CA ALA C 266 15.98 -13.28 -9.63
C ALA C 266 15.20 -12.32 -10.50
N LYS C 267 15.69 -11.09 -10.64
CA LYS C 267 14.98 -10.09 -11.40
C LYS C 267 15.03 -10.31 -12.90
N GLU C 268 16.15 -10.80 -13.44
CA GLU C 268 16.38 -10.87 -14.86
C GLU C 268 16.16 -12.25 -15.46
N GLU C 269 16.22 -13.32 -14.64
CA GLU C 269 15.93 -14.67 -15.10
C GLU C 269 14.66 -15.24 -14.50
N GLY C 270 14.17 -14.62 -13.44
CA GLY C 270 13.08 -15.24 -12.72
C GLY C 270 13.48 -16.42 -11.90
N ILE C 271 14.77 -16.55 -11.60
CA ILE C 271 15.27 -17.67 -10.83
C ILE C 271 15.65 -17.13 -9.45
N LEU C 272 14.88 -17.47 -8.40
CA LEU C 272 15.06 -16.94 -7.05
C LEU C 272 15.81 -17.96 -6.21
N ALA C 273 17.15 -17.74 -6.03
CA ALA C 273 18.02 -18.73 -5.39
C ALA C 273 18.82 -18.06 -4.26
N GLY C 274 19.48 -18.87 -3.43
CA GLY C 274 20.22 -18.37 -2.28
C GLY C 274 21.58 -17.76 -2.60
N ILE C 275 22.31 -17.41 -1.55
CA ILE C 275 23.58 -16.68 -1.72
C ILE C 275 24.61 -17.54 -2.45
N SER C 276 24.68 -18.82 -2.09
CA SER C 276 25.69 -19.67 -2.71
C SER C 276 25.41 -19.85 -4.20
N SER C 277 24.14 -19.80 -4.60
CA SER C 277 23.77 -19.83 -6.01
C SER C 277 24.25 -18.62 -6.77
N GLY C 278 24.20 -17.44 -6.14
CA GLY C 278 24.77 -16.27 -6.77
C GLY C 278 26.29 -16.38 -6.96
N ALA C 279 26.96 -16.98 -6.00
CA ALA C 279 28.40 -17.23 -6.15
C ALA C 279 28.66 -18.21 -7.29
N ALA C 280 27.85 -19.28 -7.36
CA ALA C 280 28.04 -20.24 -8.45
C ALA C 280 27.79 -19.60 -9.81
N ILE C 281 26.73 -18.78 -9.94
CA ILE C 281 26.46 -18.17 -11.22
C ILE C 281 27.54 -17.15 -11.57
N TYR C 282 27.94 -16.32 -10.63
CA TYR C 282 29.04 -15.38 -10.89
C TYR C 282 30.26 -16.10 -11.45
N ALA C 283 30.66 -17.20 -10.80
CA ALA C 283 31.87 -17.93 -11.25
C ALA C 283 31.64 -18.53 -12.61
N ALA C 284 30.43 -19.06 -12.88
CA ALA C 284 30.14 -19.68 -14.15
C ALA C 284 30.18 -18.66 -15.27
N ILE C 285 29.71 -17.45 -15.00
CA ILE C 285 29.77 -16.41 -16.02
C ILE C 285 31.22 -16.03 -16.30
N GLN C 286 32.01 -15.94 -15.25
CA GLN C 286 33.46 -15.69 -15.46
C GLN C 286 34.06 -16.75 -16.38
N LYS C 287 33.76 -18.01 -16.11
CA LYS C 287 34.31 -19.07 -16.93
C LYS C 287 33.73 -19.03 -18.34
N ALA C 288 32.45 -18.68 -18.48
CA ALA C 288 31.83 -18.59 -19.81
C ALA C 288 32.50 -17.53 -20.66
N LYS C 289 32.86 -16.40 -20.05
CA LYS C 289 33.56 -15.30 -20.77
C LYS C 289 34.90 -15.78 -21.28
N GLU C 290 35.58 -16.59 -20.48
CA GLU C 290 36.91 -17.07 -20.85
C GLU C 290 36.80 -18.10 -21.96
N LEU C 291 35.77 -18.92 -21.93
CA LEU C 291 35.63 -20.02 -22.88
C LEU C 291 35.07 -19.57 -24.22
N GLY C 292 34.21 -18.56 -24.21
CA GLY C 292 33.67 -17.99 -25.43
C GLY C 292 32.50 -18.73 -26.06
N LYS C 293 31.99 -18.12 -27.11
CA LYS C 293 30.75 -18.54 -27.74
C LYS C 293 30.82 -19.99 -28.19
N GLY C 294 29.69 -20.70 -28.03
CA GLY C 294 29.55 -22.07 -28.46
C GLY C 294 29.96 -23.12 -27.43
N LYS C 295 30.65 -22.74 -26.37
CA LYS C 295 31.00 -23.73 -25.35
C LYS C 295 29.87 -23.82 -24.32
N THR C 296 29.98 -24.80 -23.42
CA THR C 296 28.88 -25.16 -22.50
C THR C 296 29.42 -25.20 -21.08
N VAL C 297 28.83 -24.38 -20.19
CA VAL C 297 29.23 -24.26 -18.79
C VAL C 297 28.03 -24.65 -17.93
N VAL C 298 28.26 -25.50 -16.91
CA VAL C 298 27.15 -26.01 -16.07
C VAL C 298 27.50 -25.80 -14.62
N THR C 299 26.50 -25.37 -13.81
CA THR C 299 26.71 -25.24 -12.37
C THR C 299 25.40 -25.64 -11.67
N VAL C 300 25.50 -25.67 -10.33
CA VAL C 300 24.39 -26.12 -9.44
C VAL C 300 23.92 -24.95 -8.59
N LEU C 301 22.58 -24.84 -8.41
CA LEU C 301 22.01 -23.86 -7.48
C LEU C 301 21.51 -24.66 -6.27
N PRO C 302 22.19 -24.58 -5.14
CA PRO C 302 21.86 -25.48 -4.03
C PRO C 302 20.54 -25.20 -3.30
N SER C 303 20.07 -23.94 -3.22
CA SER C 303 18.93 -23.59 -2.35
C SER C 303 18.14 -22.41 -2.92
N ASN C 304 16.90 -22.21 -2.39
CA ASN C 304 15.93 -21.25 -2.95
C ASN C 304 15.98 -19.93 -2.17
N GLY C 305 15.83 -18.80 -2.88
CA GLY C 305 15.97 -17.50 -2.23
C GLY C 305 14.91 -17.25 -1.18
N GLU C 306 13.79 -18.03 -1.23
CA GLU C 306 12.77 -17.90 -0.20
C GLU C 306 13.29 -18.21 1.22
N ARG C 307 14.37 -18.96 1.31
CA ARG C 307 15.02 -19.32 2.58
C ARG C 307 15.96 -18.24 3.07
N TYR C 308 16.07 -17.11 2.35
CA TYR C 308 17.02 -16.06 2.63
C TYR C 308 16.35 -14.68 2.69
N LEU C 309 15.01 -14.62 2.86
CA LEU C 309 14.25 -13.36 2.85
C LEU C 309 14.53 -12.51 4.08
N SER C 310 15.17 -13.08 5.10
CA SER C 310 15.55 -12.35 6.31
C SER C 310 17.06 -12.14 6.44
N THR C 311 17.81 -12.27 5.35
CA THR C 311 19.22 -11.96 5.26
C THR C 311 19.40 -10.69 4.43
N PRO C 312 20.60 -10.13 4.41
CA PRO C 312 20.85 -8.98 3.50
C PRO C 312 20.63 -9.28 2.05
N LEU C 313 20.52 -10.57 1.67
CA LEU C 313 20.45 -10.88 0.25
C LEU C 313 19.22 -10.24 -0.35
N TYR C 314 18.08 -10.35 0.35
CA TYR C 314 16.79 -9.85 -0.15
C TYR C 314 16.12 -8.86 0.81
N HIS D 4 24.25 -45.99 -16.53
CA HIS D 4 23.89 -45.39 -15.23
C HIS D 4 22.47 -45.76 -14.80
N HIS D 5 22.36 -46.52 -13.71
CA HIS D 5 21.12 -47.21 -13.37
C HIS D 5 20.49 -46.76 -12.07
N HIS D 6 21.02 -45.72 -11.42
CA HIS D 6 20.60 -45.41 -10.07
C HIS D 6 19.93 -44.07 -9.93
N HIS D 7 19.57 -43.41 -11.05
CA HIS D 7 19.08 -42.04 -10.98
C HIS D 7 17.67 -41.93 -11.54
N HIS D 8 16.92 -40.96 -11.00
CA HIS D 8 15.64 -40.56 -11.52
C HIS D 8 15.87 -39.85 -12.84
N MET D 9 14.90 -39.97 -13.72
CA MET D 9 15.03 -39.27 -14.98
C MET D 9 14.80 -37.77 -14.74
N ALA D 10 15.57 -36.92 -15.40
CA ALA D 10 15.40 -35.49 -15.19
C ALA D 10 15.06 -34.88 -16.53
N GLN D 11 14.34 -33.77 -16.51
CA GLN D 11 13.92 -33.28 -17.81
C GLN D 11 15.05 -32.50 -18.47
N LYS D 12 15.03 -32.51 -19.80
CA LYS D 12 16.10 -31.93 -20.57
C LYS D 12 16.16 -30.40 -20.36
N PRO D 13 17.31 -29.78 -20.56
CA PRO D 13 17.40 -28.34 -20.27
C PRO D 13 16.39 -27.52 -21.04
N VAL D 14 15.90 -26.49 -20.37
CA VAL D 14 14.91 -25.58 -20.93
C VAL D 14 15.53 -24.19 -20.98
N ASP D 15 14.96 -23.35 -21.87
CA ASP D 15 15.48 -22.01 -22.04
C ASP D 15 14.86 -21.01 -21.09
N ASN D 16 13.77 -21.39 -20.38
CA ASN D 16 13.15 -20.44 -19.47
C ASN D 16 12.54 -21.23 -18.30
N ILE D 17 12.69 -20.69 -17.08
CA ILE D 17 12.19 -21.37 -15.91
C ILE D 17 10.68 -21.64 -15.99
N THR D 18 9.92 -20.81 -16.76
CA THR D 18 8.48 -21.07 -16.83
C THR D 18 8.17 -22.43 -17.46
N GLN D 19 9.11 -22.99 -18.24
CA GLN D 19 8.89 -24.30 -18.82
C GLN D 19 8.93 -25.42 -17.80
N ILE D 20 9.35 -25.15 -16.55
CA ILE D 20 9.33 -26.16 -15.45
C ILE D 20 8.00 -26.20 -14.71
N ILE D 21 7.13 -25.21 -14.95
CA ILE D 21 5.83 -25.15 -14.27
C ILE D 21 5.00 -26.36 -14.68
N GLY D 22 4.33 -26.99 -13.70
CA GLY D 22 3.49 -28.14 -13.98
C GLY D 22 4.21 -29.46 -13.78
N GLY D 23 3.50 -30.54 -14.10
CA GLY D 23 4.07 -31.89 -13.94
C GLY D 23 4.37 -32.26 -12.50
N THR D 24 3.42 -31.93 -11.60
CA THR D 24 3.72 -32.07 -10.16
C THR D 24 3.40 -33.46 -9.63
N PRO D 25 4.15 -33.90 -8.63
CA PRO D 25 4.07 -35.29 -8.16
C PRO D 25 2.88 -35.50 -7.24
N VAL D 26 2.57 -36.77 -7.00
CA VAL D 26 1.49 -37.21 -6.08
C VAL D 26 2.06 -38.20 -5.05
N VAL D 27 1.69 -38.03 -3.76
CA VAL D 27 2.15 -38.92 -2.70
C VAL D 27 0.93 -39.52 -2.02
N LYS D 28 1.04 -40.80 -1.65
CA LYS D 28 0.03 -41.46 -0.82
C LYS D 28 0.29 -41.19 0.65
N LEU D 29 -0.78 -40.91 1.41
CA LEU D 29 -0.67 -40.66 2.84
C LEU D 29 -0.64 -41.99 3.58
N ARG D 30 0.25 -42.11 4.58
CA ARG D 30 0.53 -43.39 5.24
C ARG D 30 0.09 -43.47 6.70
N ASN D 31 0.07 -42.35 7.42
CA ASN D 31 0.01 -42.39 8.87
C ASN D 31 -1.16 -41.60 9.40
N VAL D 32 -1.54 -40.50 8.73
CA VAL D 32 -2.65 -39.68 9.23
C VAL D 32 -3.98 -40.28 8.85
N VAL D 33 -3.98 -41.34 8.09
CA VAL D 33 -5.18 -42.08 7.72
C VAL D 33 -4.76 -43.54 7.62
N ASP D 34 -5.66 -44.46 8.04
CA ASP D 34 -5.29 -45.87 8.13
C ASP D 34 -5.76 -46.65 6.91
N ASP D 35 -5.30 -47.90 6.85
CA ASP D 35 -5.56 -48.78 5.71
C ASP D 35 -6.97 -49.36 5.67
N ASN D 36 -7.81 -49.12 6.67
CA ASN D 36 -9.20 -49.56 6.61
C ASN D 36 -10.13 -48.43 6.18
N ALA D 37 -9.59 -47.25 5.89
CA ALA D 37 -10.27 -46.18 5.17
C ALA D 37 -9.80 -46.17 3.72
N ALA D 38 -10.39 -45.30 2.90
CA ALA D 38 -9.98 -45.12 1.51
C ALA D 38 -8.54 -44.61 1.48
N ASP D 39 -7.80 -45.02 0.46
CA ASP D 39 -6.51 -44.41 0.12
C ASP D 39 -6.64 -42.90 -0.08
N VAL D 40 -5.65 -42.13 0.42
CA VAL D 40 -5.63 -40.67 0.27
C VAL D 40 -4.33 -40.31 -0.43
N TYR D 41 -4.45 -39.64 -1.56
CA TYR D 41 -3.30 -39.17 -2.38
C TYR D 41 -3.35 -37.65 -2.48
N VAL D 42 -2.17 -37.01 -2.46
CA VAL D 42 -2.08 -35.56 -2.44
C VAL D 42 -1.14 -35.11 -3.57
N LYS D 43 -1.58 -34.16 -4.37
CA LYS D 43 -0.77 -33.63 -5.46
C LYS D 43 -0.04 -32.41 -4.94
N LEU D 44 1.28 -32.40 -5.07
CA LEU D 44 2.14 -31.37 -4.45
C LEU D 44 2.33 -30.16 -5.38
N GLU D 45 1.40 -29.19 -5.31
CA GLU D 45 1.50 -28.05 -6.20
C GLU D 45 2.58 -27.09 -5.77
N TYR D 46 3.13 -27.26 -4.58
CA TYR D 46 4.24 -26.43 -4.18
C TYR D 46 5.53 -26.84 -4.85
N GLN D 47 5.52 -27.96 -5.58
CA GLN D 47 6.73 -28.34 -6.32
C GLN D 47 6.90 -27.52 -7.59
N ASN D 48 5.88 -26.78 -7.99
CA ASN D 48 6.07 -25.75 -9.02
C ASN D 48 7.24 -24.83 -8.63
N PRO D 49 7.98 -24.29 -9.60
CA PRO D 49 9.27 -23.62 -9.27
C PRO D 49 9.08 -22.34 -8.50
N GLY D 50 7.93 -21.68 -8.63
CA GLY D 50 7.68 -20.53 -7.79
C GLY D 50 6.99 -20.81 -6.47
N GLY D 51 6.74 -22.09 -6.14
CA GLY D 51 6.30 -22.49 -4.83
C GLY D 51 4.81 -22.67 -4.61
N SER D 52 3.97 -22.51 -5.63
CA SER D 52 2.54 -22.75 -5.36
C SER D 52 1.82 -23.07 -6.66
N VAL D 53 0.57 -23.50 -6.46
CA VAL D 53 -0.34 -23.73 -7.60
C VAL D 53 -0.51 -22.52 -8.48
N1 LLP D 54 -4.59 -22.48 -1.09
C2 LLP D 54 -3.63 -21.65 -1.42
C2' LLP D 54 -2.44 -21.53 -0.44
C3 LLP D 54 -3.69 -20.98 -2.67
O3 LLP D 54 -2.67 -20.18 -3.01
C4 LLP D 54 -4.79 -21.10 -3.51
C4' LLP D 54 -4.90 -20.32 -4.91
C5 LLP D 54 -5.77 -21.95 -3.14
C6 LLP D 54 -5.69 -22.65 -1.92
C5' LLP D 54 -7.06 -22.19 -3.99
OP4 LLP D 54 -6.81 -22.44 -5.37
P LLP D 54 -7.81 -21.90 -6.46
OP1 LLP D 54 -7.60 -20.43 -6.65
OP2 LLP D 54 -7.52 -22.70 -7.71
OP3 LLP D 54 -9.23 -22.20 -5.95
N LLP D 54 -0.36 -21.32 -7.95
CA LLP D 54 -0.60 -20.10 -8.66
CB LLP D 54 -0.64 -18.88 -7.74
CG LLP D 54 -1.80 -18.90 -6.73
CD LLP D 54 -3.18 -18.97 -7.43
CE LLP D 54 -4.32 -18.57 -6.42
NZ LLP D 54 -4.08 -19.18 -5.06
C LLP D 54 0.42 -19.89 -9.77
O LLP D 54 0.20 -19.07 -10.63
N ASP D 55 1.54 -20.65 -9.77
CA ASP D 55 2.47 -20.56 -10.92
C ASP D 55 1.67 -20.84 -12.23
N ARG D 56 0.76 -21.83 -12.14
CA ARG D 56 0.05 -22.27 -13.36
C ARG D 56 -0.83 -21.15 -13.91
N ILE D 57 -1.61 -20.47 -13.04
CA ILE D 57 -2.50 -19.43 -13.58
C ILE D 57 -1.76 -18.14 -13.90
N ALA D 58 -0.65 -17.86 -13.22
CA ALA D 58 0.14 -16.70 -13.60
C ALA D 58 0.69 -16.89 -15.01
N LEU D 59 1.26 -18.06 -15.29
CA LEU D 59 1.77 -18.32 -16.63
C LEU D 59 0.64 -18.33 -17.65
N ALA D 60 -0.49 -18.99 -17.34
CA ALA D 60 -1.54 -19.07 -18.36
C ALA D 60 -2.15 -17.71 -18.68
N MET D 61 -2.35 -16.86 -17.67
CA MET D 61 -3.00 -15.60 -17.90
C MET D 61 -2.07 -14.68 -18.66
N ILE D 62 -0.74 -14.72 -18.37
CA ILE D 62 0.18 -13.88 -19.10
C ILE D 62 0.33 -14.40 -20.51
N GLU D 63 0.47 -15.71 -20.69
CA GLU D 63 0.67 -16.23 -22.03
C GLU D 63 -0.55 -15.91 -22.90
N LYS D 64 -1.76 -16.11 -22.37
CA LYS D 64 -2.95 -15.86 -23.17
C LYS D 64 -2.97 -14.41 -23.63
N ALA D 65 -2.72 -13.48 -22.72
CA ALA D 65 -2.69 -12.08 -23.06
C ALA D 65 -1.60 -11.78 -24.07
N GLU D 66 -0.46 -12.44 -23.99
CA GLU D 66 0.52 -12.31 -25.07
C GLU D 66 0.00 -12.77 -26.42
N ARG D 67 -0.64 -13.93 -26.43
CA ARG D 67 -1.09 -14.52 -27.68
C ARG D 67 -2.13 -13.62 -28.32
N GLU D 68 -2.99 -13.03 -27.50
CA GLU D 68 -4.04 -12.11 -27.95
C GLU D 68 -3.50 -10.73 -28.26
N GLY D 69 -2.20 -10.51 -28.09
CA GLY D 69 -1.60 -9.21 -28.36
C GLY D 69 -2.01 -8.08 -27.42
N LYS D 70 -2.63 -8.40 -26.27
CA LYS D 70 -2.99 -7.40 -25.28
C LYS D 70 -1.78 -6.84 -24.55
N ILE D 71 -0.74 -7.67 -24.37
CA ILE D 71 0.52 -7.24 -23.79
C ILE D 71 1.68 -7.79 -24.62
N LYS D 72 2.83 -7.19 -24.40
CA LYS D 72 4.07 -7.66 -24.98
C LYS D 72 5.17 -7.37 -23.98
N PRO D 73 6.26 -8.14 -23.99
CA PRO D 73 7.35 -7.88 -23.03
C PRO D 73 7.68 -6.41 -22.95
N GLY D 74 7.98 -5.97 -21.71
CA GLY D 74 8.18 -4.58 -21.37
C GLY D 74 6.94 -3.92 -20.79
N ASP D 75 5.76 -4.47 -21.06
CA ASP D 75 4.51 -3.91 -20.51
C ASP D 75 4.41 -4.18 -19.02
N THR D 76 3.50 -3.48 -18.38
CA THR D 76 3.25 -3.59 -16.95
C THR D 76 1.94 -4.29 -16.70
N ILE D 77 1.91 -5.21 -15.76
CA ILE D 77 0.63 -5.75 -15.33
C ILE D 77 0.36 -5.27 -13.91
N VAL D 78 -0.92 -5.21 -13.56
CA VAL D 78 -1.33 -4.82 -12.21
C VAL D 78 -2.37 -5.81 -11.70
N GLU D 79 -2.28 -6.20 -10.42
CA GLU D 79 -3.25 -7.08 -9.80
C GLU D 79 -3.35 -6.76 -8.31
N PRO D 80 -4.56 -6.73 -7.75
CA PRO D 80 -4.74 -6.62 -6.30
C PRO D 80 -4.65 -8.01 -5.67
N THR D 81 -3.59 -8.21 -4.88
CA THR D 81 -3.39 -9.52 -4.25
C THR D 81 -2.40 -9.41 -3.10
N SER D 82 -2.76 -10.00 -1.96
CA SER D 82 -1.84 -10.11 -0.84
C SER D 82 -1.33 -11.54 -0.68
N GLY D 83 -1.62 -12.45 -1.65
CA GLY D 83 -1.30 -13.87 -1.50
C GLY D 83 -0.43 -14.48 -2.61
N ASN D 84 -0.63 -15.78 -2.79
CA ASN D 84 0.23 -16.53 -3.69
C ASN D 84 0.11 -16.11 -5.13
N THR D 85 -1.02 -15.55 -5.53
CA THR D 85 -1.09 -15.05 -6.91
C THR D 85 -0.14 -13.90 -7.16
N GLY D 86 0.06 -13.01 -6.19
CA GLY D 86 1.11 -12.03 -6.37
C GLY D 86 2.49 -12.66 -6.54
N ILE D 87 2.81 -13.68 -5.72
CA ILE D 87 4.13 -14.31 -5.87
C ILE D 87 4.23 -14.95 -7.23
N GLY D 88 3.16 -15.64 -7.64
CA GLY D 88 3.16 -16.32 -8.96
C GLY D 88 3.35 -15.34 -10.11
N LEU D 89 2.59 -14.23 -10.09
CA LEU D 89 2.74 -13.22 -11.12
C LEU D 89 4.09 -12.49 -11.05
N ALA D 90 4.64 -12.30 -9.84
CA ALA D 90 5.94 -11.63 -9.77
C ALA D 90 7.00 -12.51 -10.41
N PHE D 91 6.93 -13.80 -10.08
CA PHE D 91 7.82 -14.83 -10.62
C PHE D 91 7.72 -14.89 -12.14
N VAL D 92 6.50 -15.12 -12.67
CA VAL D 92 6.35 -15.25 -14.12
C VAL D 92 6.71 -13.94 -14.84
N CYS D 93 6.36 -12.79 -14.26
CA CYS D 93 6.72 -11.55 -14.93
C CYS D 93 8.26 -11.39 -15.00
N ALA D 94 8.97 -11.69 -13.91
CA ALA D 94 10.44 -11.65 -13.98
C ALA D 94 10.97 -12.59 -15.05
N ALA D 95 10.43 -13.78 -15.11
CA ALA D 95 10.89 -14.75 -16.12
C ALA D 95 10.53 -14.34 -17.53
N LYS D 96 9.41 -13.66 -17.78
CA LYS D 96 8.96 -13.38 -19.15
C LYS D 96 9.18 -11.95 -19.62
N GLY D 97 9.82 -11.12 -18.79
CA GLY D 97 10.16 -9.75 -19.15
C GLY D 97 9.06 -8.73 -19.02
N TYR D 98 8.19 -8.89 -18.05
CA TYR D 98 7.11 -7.95 -17.76
C TYR D 98 7.38 -7.22 -16.44
N LYS D 99 6.84 -5.99 -16.34
CA LYS D 99 6.87 -5.27 -15.06
C LYS D 99 5.59 -5.60 -14.30
N ALA D 100 5.72 -5.83 -13.01
CA ALA D 100 4.55 -6.15 -12.19
C ALA D 100 4.37 -5.10 -11.14
N VAL D 101 3.11 -4.69 -10.96
CA VAL D 101 2.69 -3.78 -9.89
C VAL D 101 1.59 -4.48 -9.11
N PHE D 102 1.73 -4.58 -7.79
CA PHE D 102 0.67 -5.19 -6.99
C PHE D 102 0.13 -4.19 -6.00
N THR D 103 -1.19 -4.18 -5.82
CA THR D 103 -1.77 -3.42 -4.73
C THR D 103 -2.21 -4.39 -3.65
N MET D 104 -2.18 -3.95 -2.38
CA MET D 104 -2.46 -4.75 -1.20
C MET D 104 -2.57 -3.92 0.05
N PRO D 105 -3.44 -4.32 0.97
CA PRO D 105 -3.50 -3.67 2.28
C PRO D 105 -2.12 -3.63 2.92
N GLU D 106 -1.82 -2.53 3.62
CA GLU D 106 -0.48 -2.36 4.20
C GLU D 106 -0.19 -3.34 5.32
N THR D 107 -1.15 -4.19 5.69
CA THR D 107 -0.98 -5.17 6.75
C THR D 107 -0.30 -6.46 6.29
N MET D 108 0.17 -6.52 5.04
CA MET D 108 0.94 -7.67 4.55
C MET D 108 2.33 -7.73 5.17
N SER D 109 2.80 -8.95 5.45
CA SER D 109 4.06 -9.14 6.15
C SER D 109 5.26 -8.65 5.34
N GLN D 110 6.31 -8.24 6.05
CA GLN D 110 7.52 -7.80 5.39
C GLN D 110 8.18 -8.93 4.63
N GLU D 111 8.11 -10.17 5.14
CA GLU D 111 8.74 -11.27 4.44
C GLU D 111 8.08 -11.47 3.08
N ARG D 112 6.75 -11.47 3.07
CA ARG D 112 6.01 -11.55 1.83
C ARG D 112 6.37 -10.40 0.88
N ARG D 113 6.46 -9.18 1.42
CA ARG D 113 6.79 -8.02 0.60
C ARG D 113 8.20 -8.15 0.03
N ASN D 114 9.17 -8.61 0.84
CA ASN D 114 10.51 -8.76 0.31
C ASN D 114 10.57 -9.80 -0.82
N LEU D 115 9.77 -10.86 -0.70
CA LEU D 115 9.73 -11.88 -1.75
C LEU D 115 9.30 -11.27 -3.08
N LEU D 116 8.21 -10.47 -3.06
CA LEU D 116 7.76 -9.84 -4.31
C LEU D 116 8.79 -8.87 -4.88
N LYS D 117 9.43 -8.07 -4.01
CA LYS D 117 10.46 -7.14 -4.48
C LYS D 117 11.72 -7.85 -4.99
N ALA D 118 12.02 -9.05 -4.46
CA ALA D 118 13.14 -9.86 -4.96
C ALA D 118 12.96 -10.19 -6.43
N TYR D 119 11.72 -10.35 -6.89
CA TYR D 119 11.48 -10.54 -8.31
C TYR D 119 11.37 -9.25 -9.11
N GLY D 120 11.57 -8.10 -8.47
CA GLY D 120 11.49 -6.84 -9.18
C GLY D 120 10.10 -6.22 -9.20
N ALA D 121 9.16 -6.78 -8.45
CA ALA D 121 7.83 -6.21 -8.48
C ALA D 121 7.74 -4.94 -7.62
N GLU D 122 6.82 -4.08 -8.00
CA GLU D 122 6.55 -2.86 -7.26
C GLU D 122 5.28 -3.07 -6.44
N LEU D 123 5.28 -2.55 -5.21
CA LEU D 123 4.17 -2.74 -4.27
C LEU D 123 3.51 -1.40 -3.96
N VAL D 124 2.19 -1.38 -4.02
CA VAL D 124 1.43 -0.19 -3.67
C VAL D 124 0.56 -0.59 -2.50
N LEU D 125 0.87 -0.07 -1.31
CA LEU D 125 0.17 -0.41 -0.09
C LEU D 125 -1.03 0.54 0.09
N THR D 126 -2.18 -0.02 0.37
CA THR D 126 -3.40 0.74 0.55
C THR D 126 -3.86 0.61 2.00
N PRO D 127 -4.73 1.51 2.47
CA PRO D 127 -5.05 1.56 3.92
C PRO D 127 -5.59 0.24 4.45
N GLY D 128 -5.07 -0.17 5.61
CA GLY D 128 -5.54 -1.39 6.27
C GLY D 128 -7.03 -1.45 6.43
N SER D 129 -7.65 -0.34 6.84
CA SER D 129 -9.09 -0.37 7.10
C SER D 129 -9.91 -0.60 5.82
N GLU D 130 -9.35 -0.32 4.65
CA GLU D 130 -10.10 -0.57 3.42
C GLU D 130 -9.89 -1.99 2.89
N ALA D 131 -9.01 -2.79 3.50
CA ALA D 131 -8.88 -4.23 3.23
C ALA D 131 -8.70 -4.46 1.71
N MET D 132 -9.18 -5.59 1.17
CA MET D 132 -9.03 -5.81 -0.26
C MET D 132 -9.87 -4.88 -1.12
N LYS D 133 -10.96 -4.29 -0.59
CA LYS D 133 -11.72 -3.37 -1.42
C LYS D 133 -10.85 -2.17 -1.85
N GLY D 134 -9.98 -1.71 -0.94
CA GLY D 134 -9.17 -0.54 -1.22
C GLY D 134 -8.05 -0.90 -2.19
N ALA D 135 -7.54 -2.13 -2.04
CA ALA D 135 -6.51 -2.58 -2.97
C ALA D 135 -7.08 -2.70 -4.38
N ILE D 136 -8.30 -3.27 -4.51
CA ILE D 136 -8.98 -3.34 -5.80
C ILE D 136 -9.20 -1.96 -6.39
N LYS D 137 -9.69 -1.02 -5.55
CA LYS D 137 -9.93 0.32 -6.07
C LYS D 137 -8.65 0.94 -6.61
N LYS D 138 -7.52 0.80 -5.89
CA LYS D 138 -6.29 1.40 -6.37
C LYS D 138 -5.81 0.74 -7.67
N ALA D 139 -5.97 -0.58 -7.74
CA ALA D 139 -5.57 -1.27 -8.97
C ALA D 139 -6.38 -0.77 -10.17
N LYS D 140 -7.70 -0.61 -10.01
CA LYS D 140 -8.52 -0.07 -11.11
C LYS D 140 -8.09 1.34 -11.50
N GLU D 141 -7.70 2.17 -10.50
CA GLU D 141 -7.25 3.52 -10.81
C GLU D 141 -5.96 3.50 -11.63
N LEU D 142 -5.01 2.64 -11.25
CA LEU D 142 -3.75 2.55 -11.99
C LEU D 142 -3.99 1.99 -13.37
N LYS D 143 -4.88 1.00 -13.48
CA LYS D 143 -5.21 0.44 -14.77
C LYS D 143 -5.79 1.52 -15.66
N GLU D 144 -6.72 2.32 -15.12
CA GLU D 144 -7.35 3.41 -15.89
C GLU D 144 -6.35 4.47 -16.33
N GLU D 145 -5.51 4.95 -15.38
CA GLU D 145 -4.65 6.08 -15.70
C GLU D 145 -3.51 5.70 -16.63
N HIS D 146 -2.97 4.49 -16.47
CA HIS D 146 -1.77 4.08 -17.16
C HIS D 146 -1.98 3.04 -18.26
N GLY D 147 -3.17 2.47 -18.40
CA GLY D 147 -3.39 1.46 -19.43
C GLY D 147 -2.76 0.11 -19.15
N TYR D 148 -2.52 -0.21 -17.88
CA TYR D 148 -1.91 -1.48 -17.49
C TYR D 148 -2.90 -2.62 -17.67
N PHE D 149 -2.36 -3.81 -17.95
CA PHE D 149 -3.16 -5.03 -18.04
C PHE D 149 -3.41 -5.62 -16.67
N GLU D 150 -4.67 -5.95 -16.37
CA GLU D 150 -5.00 -6.62 -15.13
C GLU D 150 -5.37 -8.09 -15.40
N PRO D 151 -4.63 -9.07 -14.89
CA PRO D 151 -4.99 -10.47 -15.15
C PRO D 151 -6.40 -10.82 -14.72
N GLN D 152 -6.85 -10.35 -13.53
CA GLN D 152 -8.22 -10.58 -13.01
C GLN D 152 -8.39 -12.05 -12.66
N GLN D 153 -7.66 -12.52 -11.66
CA GLN D 153 -7.68 -13.95 -11.37
C GLN D 153 -9.06 -14.51 -11.04
N PHE D 154 -10.04 -13.70 -10.60
CA PHE D 154 -11.34 -14.24 -10.21
C PHE D 154 -12.33 -14.21 -11.37
N GLU D 155 -11.94 -13.68 -12.52
CA GLU D 155 -12.80 -13.66 -13.73
C GLU D 155 -12.15 -14.29 -14.95
N ASN D 156 -10.81 -14.38 -15.00
CA ASN D 156 -10.14 -14.79 -16.23
C ASN D 156 -10.37 -16.27 -16.54
N PRO D 157 -10.97 -16.60 -17.68
CA PRO D 157 -11.21 -18.03 -17.98
C PRO D 157 -9.93 -18.83 -18.20
N ALA D 158 -8.79 -18.16 -18.38
CA ALA D 158 -7.54 -18.89 -18.50
C ALA D 158 -7.15 -19.57 -17.18
N ASN D 159 -7.70 -19.09 -16.07
CA ASN D 159 -7.45 -19.73 -14.79
C ASN D 159 -8.06 -21.13 -14.75
N PRO D 160 -9.38 -21.31 -14.82
CA PRO D 160 -9.83 -22.72 -14.82
C PRO D 160 -9.35 -23.48 -16.02
N GLU D 161 -9.16 -22.80 -17.13
CA GLU D 161 -8.76 -23.53 -18.32
C GLU D 161 -7.38 -24.17 -18.13
N VAL D 162 -6.44 -23.47 -17.47
CA VAL D 162 -5.15 -24.13 -17.41
C VAL D 162 -5.24 -25.42 -16.59
N HIS D 163 -6.16 -25.50 -15.59
CA HIS D 163 -6.27 -26.74 -14.82
C HIS D 163 -6.96 -27.83 -15.64
N GLU D 164 -7.79 -27.42 -16.57
CA GLU D 164 -8.41 -28.36 -17.50
C GLU D 164 -7.38 -28.92 -18.48
N LEU D 165 -6.37 -28.12 -18.80
CA LEU D 165 -5.37 -28.50 -19.80
C LEU D 165 -4.12 -29.13 -19.23
N THR D 166 -3.78 -28.87 -17.97
CA THR D 166 -2.53 -29.39 -17.41
C THR D 166 -2.78 -30.18 -16.14
N THR D 167 -3.26 -29.51 -15.07
CA THR D 167 -3.39 -30.19 -13.78
C THR D 167 -4.26 -31.45 -13.87
N GLY D 168 -5.42 -31.30 -14.47
CA GLY D 168 -6.39 -32.38 -14.66
C GLY D 168 -5.86 -33.52 -15.51
N PRO D 169 -5.32 -33.22 -16.70
CA PRO D 169 -4.72 -34.30 -17.52
C PRO D 169 -3.55 -34.95 -16.86
N GLU D 170 -2.77 -34.25 -16.02
CA GLU D 170 -1.73 -34.93 -15.27
C GLU D 170 -2.32 -35.95 -14.33
N LEU D 171 -3.38 -35.58 -13.58
CA LEU D 171 -4.01 -36.52 -12.67
C LEU D 171 -4.57 -37.73 -13.43
N LEU D 172 -5.20 -37.50 -14.57
CA LEU D 172 -5.67 -38.63 -15.38
C LEU D 172 -4.54 -39.60 -15.68
N GLN D 173 -3.39 -39.07 -16.10
CA GLN D 173 -2.27 -39.93 -16.42
C GLN D 173 -1.70 -40.57 -15.15
N GLN D 174 -1.67 -39.83 -14.02
CA GLN D 174 -1.16 -40.39 -12.77
C GLN D 174 -2.05 -41.50 -12.18
N PHE D 175 -3.32 -41.52 -12.53
CA PHE D 175 -4.24 -42.52 -11.99
C PHE D 175 -4.78 -43.42 -13.08
N GLU D 176 -4.07 -43.48 -14.20
CA GLU D 176 -4.51 -44.28 -15.31
C GLU D 176 -4.53 -45.74 -14.83
N GLY D 177 -5.57 -46.48 -15.21
CA GLY D 177 -5.67 -47.82 -14.68
C GLY D 177 -6.30 -47.95 -13.30
N LYS D 178 -6.78 -46.86 -12.70
CA LYS D 178 -7.55 -47.01 -11.47
C LYS D 178 -8.64 -45.95 -11.43
N THR D 179 -9.51 -46.05 -10.44
CA THR D 179 -10.67 -45.18 -10.37
C THR D 179 -10.47 -44.22 -9.22
N ILE D 180 -10.75 -42.95 -9.45
CA ILE D 180 -10.78 -41.95 -8.38
C ILE D 180 -12.24 -41.84 -7.93
N ASP D 181 -12.48 -42.07 -6.65
CA ASP D 181 -13.86 -42.06 -6.19
C ASP D 181 -14.22 -40.68 -5.69
N ALA D 182 -13.23 -39.88 -5.23
CA ALA D 182 -13.56 -38.51 -4.85
C ALA D 182 -12.35 -37.61 -5.11
N PHE D 183 -12.62 -36.39 -5.57
CA PHE D 183 -11.61 -35.34 -5.68
C PHE D 183 -12.09 -34.14 -4.88
N LEU D 184 -11.25 -33.64 -3.98
CA LEU D 184 -11.55 -32.52 -3.13
C LEU D 184 -10.53 -31.41 -3.37
N ALA D 185 -11.00 -30.16 -3.34
CA ALA D 185 -10.03 -29.07 -3.35
C ALA D 185 -10.58 -27.87 -2.61
N GLY D 186 -9.72 -27.17 -1.89
CA GLY D 186 -10.08 -25.86 -1.41
C GLY D 186 -10.36 -24.88 -2.53
N VAL D 187 -11.29 -23.97 -2.26
CA VAL D 187 -11.69 -22.96 -3.20
C VAL D 187 -11.14 -21.58 -2.79
N GLY D 188 -10.25 -21.03 -3.61
CA GLY D 188 -9.85 -19.62 -3.55
C GLY D 188 -10.48 -18.85 -4.68
N THR D 189 -9.89 -18.95 -5.88
CA THR D 189 -10.56 -18.57 -7.10
C THR D 189 -11.50 -19.68 -7.60
N GLY D 190 -11.31 -20.94 -7.18
CA GLY D 190 -12.13 -22.02 -7.74
C GLY D 190 -11.61 -22.59 -9.01
N GLY D 191 -10.49 -22.06 -9.50
CA GLY D 191 -9.96 -22.55 -10.76
C GLY D 191 -9.57 -24.01 -10.72
N THR D 192 -8.82 -24.40 -9.68
CA THR D 192 -8.37 -25.78 -9.55
C THR D 192 -9.57 -26.74 -9.50
N LEU D 193 -10.52 -26.51 -8.57
CA LEU D 193 -11.63 -27.45 -8.46
C LEU D 193 -12.41 -27.54 -9.77
N SER D 194 -12.57 -26.42 -10.46
CA SER D 194 -13.43 -26.40 -11.64
C SER D 194 -12.76 -27.10 -12.82
N GLY D 195 -11.50 -26.78 -13.08
CA GLY D 195 -10.83 -27.34 -14.23
C GLY D 195 -10.51 -28.79 -14.04
N VAL D 196 -9.96 -29.14 -12.87
CA VAL D 196 -9.68 -30.54 -12.59
C VAL D 196 -10.98 -31.31 -12.50
N GLY D 197 -11.97 -30.76 -11.78
CA GLY D 197 -13.23 -31.47 -11.68
C GLY D 197 -13.84 -31.82 -13.05
N LYS D 198 -13.85 -30.87 -13.98
CA LYS D 198 -14.41 -31.15 -15.32
C LYS D 198 -13.74 -32.36 -15.98
N VAL D 199 -12.43 -32.38 -15.96
CA VAL D 199 -11.65 -33.45 -16.60
C VAL D 199 -11.88 -34.78 -15.89
N LEU D 200 -11.82 -34.79 -14.58
CA LEU D 200 -11.99 -36.04 -13.86
C LEU D 200 -13.41 -36.57 -14.06
N LYS D 201 -14.40 -35.69 -14.05
CA LYS D 201 -15.79 -36.14 -14.19
C LYS D 201 -16.00 -36.79 -15.54
N LYS D 202 -15.32 -36.30 -16.58
CA LYS D 202 -15.52 -36.91 -17.91
C LYS D 202 -14.97 -38.32 -17.97
N GLU D 203 -13.85 -38.57 -17.30
CA GLU D 203 -13.25 -39.88 -17.29
C GLU D 203 -13.93 -40.80 -16.28
N TYR D 204 -14.39 -40.24 -15.15
CA TYR D 204 -14.91 -41.02 -14.04
C TYR D 204 -16.34 -40.56 -13.74
N PRO D 205 -17.32 -41.08 -14.47
CA PRO D 205 -18.69 -40.53 -14.34
C PRO D 205 -19.26 -40.58 -12.91
N ASN D 206 -18.80 -41.49 -12.05
CA ASN D 206 -19.35 -41.64 -10.70
C ASN D 206 -18.57 -40.89 -9.64
N ILE D 207 -17.61 -40.04 -10.04
CA ILE D 207 -16.76 -39.39 -9.04
C ILE D 207 -17.56 -38.36 -8.25
N GLU D 208 -17.22 -38.20 -6.95
N GLU D 208 -17.24 -38.24 -6.95
CA GLU D 208 -17.75 -37.07 -6.17
CA GLU D 208 -17.67 -37.11 -6.13
C GLU D 208 -16.69 -35.99 -6.05
C GLU D 208 -16.61 -36.02 -6.27
N ILE D 209 -17.06 -34.79 -6.47
CA ILE D 209 -16.21 -33.60 -6.44
C ILE D 209 -16.63 -32.75 -5.25
N VAL D 210 -15.68 -32.41 -4.36
CA VAL D 210 -16.04 -31.74 -3.11
C VAL D 210 -15.28 -30.41 -3.03
N ALA D 211 -16.01 -29.31 -2.83
CA ALA D 211 -15.40 -28.02 -2.51
C ALA D 211 -15.09 -27.92 -1.02
N ILE D 212 -13.95 -27.30 -0.69
CA ILE D 212 -13.56 -27.04 0.68
C ILE D 212 -13.55 -25.53 0.92
N GLU D 213 -14.19 -25.09 2.03
CA GLU D 213 -14.16 -23.66 2.34
C GLU D 213 -14.06 -23.47 3.86
N PRO D 214 -13.75 -22.27 4.36
CA PRO D 214 -13.60 -22.05 5.82
C PRO D 214 -14.94 -22.15 6.55
N GLU D 215 -14.98 -22.88 7.67
CA GLU D 215 -16.15 -22.81 8.56
C GLU D 215 -16.47 -21.34 8.93
N ALA D 216 -15.43 -20.51 9.07
CA ALA D 216 -15.58 -19.12 9.51
C ALA D 216 -16.02 -18.17 8.40
N SER D 217 -16.02 -18.62 7.15
CA SER D 217 -16.50 -17.75 6.08
C SER D 217 -17.17 -18.63 5.03
N PRO D 218 -18.26 -19.29 5.38
CA PRO D 218 -18.74 -20.41 4.53
C PRO D 218 -19.78 -19.93 3.51
N VAL D 219 -19.30 -19.16 2.54
CA VAL D 219 -20.20 -18.48 1.60
C VAL D 219 -20.78 -19.48 0.60
N LEU D 220 -19.99 -20.46 0.16
CA LEU D 220 -20.54 -21.46 -0.77
C LEU D 220 -21.71 -22.19 -0.12
N SER D 221 -21.64 -22.38 1.20
CA SER D 221 -22.70 -23.06 1.94
C SER D 221 -23.89 -22.15 2.19
N GLY D 222 -23.91 -20.95 1.65
CA GLY D 222 -24.98 -20.01 1.95
C GLY D 222 -24.88 -19.27 3.27
N GLY D 223 -23.71 -19.28 3.93
CA GLY D 223 -23.50 -18.54 5.16
C GLY D 223 -22.84 -17.19 4.93
N GLU D 224 -22.47 -16.53 6.04
CA GLU D 224 -22.01 -15.15 5.87
C GLU D 224 -20.48 -15.09 5.75
N PRO D 225 -19.98 -14.17 4.93
CA PRO D 225 -18.52 -13.94 4.87
C PRO D 225 -18.01 -13.40 6.21
N GLY D 226 -16.80 -13.81 6.59
CA GLY D 226 -16.18 -13.32 7.81
C GLY D 226 -14.70 -13.53 7.76
N PRO D 227 -13.96 -13.01 8.73
CA PRO D 227 -12.51 -13.24 8.73
C PRO D 227 -12.21 -14.69 9.07
N HIS D 228 -11.15 -15.24 8.46
CA HIS D 228 -10.74 -16.60 8.76
C HIS D 228 -9.24 -16.69 8.53
N LYS D 229 -8.69 -17.86 8.79
CA LYS D 229 -7.23 -18.03 8.77
C LYS D 229 -6.76 -19.00 7.70
N LEU D 230 -7.66 -19.45 6.81
CA LEU D 230 -7.26 -20.43 5.78
C LEU D 230 -6.72 -19.67 4.59
N GLN D 231 -5.45 -19.25 4.68
CA GLN D 231 -4.88 -18.45 3.59
C GLN D 231 -4.96 -19.17 2.26
N GLY D 232 -5.38 -18.43 1.27
CA GLY D 232 -5.58 -18.97 -0.08
C GLY D 232 -7.02 -19.37 -0.37
N LEU D 233 -7.84 -19.52 0.67
CA LEU D 233 -9.26 -19.88 0.52
C LEU D 233 -10.12 -18.74 1.01
N GLY D 234 -11.42 -18.89 0.80
CA GLY D 234 -12.36 -18.00 1.44
C GLY D 234 -12.32 -16.57 0.98
N ALA D 235 -12.64 -16.32 -0.29
CA ALA D 235 -12.63 -14.96 -0.82
C ALA D 235 -13.75 -14.11 -0.24
N GLY D 236 -14.76 -14.72 0.37
CA GLY D 236 -15.92 -13.97 0.89
C GLY D 236 -16.99 -13.70 -0.14
N PHE D 237 -16.83 -14.21 -1.34
CA PHE D 237 -17.80 -14.11 -2.41
C PHE D 237 -17.63 -15.35 -3.26
N ILE D 238 -18.52 -15.52 -4.23
CA ILE D 238 -18.47 -16.65 -5.15
C ILE D 238 -17.77 -16.19 -6.43
N PRO D 239 -16.52 -16.60 -6.67
CA PRO D 239 -15.84 -16.07 -7.85
C PRO D 239 -16.45 -16.55 -9.16
N GLY D 240 -16.30 -15.72 -10.16
CA GLY D 240 -16.70 -16.14 -11.48
C GLY D 240 -16.00 -17.41 -11.95
N THR D 241 -14.70 -17.51 -11.66
CA THR D 241 -13.94 -18.67 -12.07
C THR D 241 -14.32 -19.95 -11.38
N LEU D 242 -15.29 -19.96 -10.45
CA LEU D 242 -15.72 -21.17 -9.78
C LEU D 242 -16.98 -21.65 -10.45
N ASN D 243 -16.96 -22.89 -10.96
CA ASN D 243 -18.15 -23.51 -11.56
C ASN D 243 -18.93 -24.10 -10.40
N THR D 244 -19.97 -23.38 -9.93
CA THR D 244 -20.67 -23.89 -8.76
C THR D 244 -21.46 -25.17 -9.06
N GLU D 245 -21.56 -25.61 -10.32
CA GLU D 245 -22.16 -26.89 -10.71
C GLU D 245 -21.21 -28.04 -10.64
N ILE D 246 -19.91 -27.79 -10.40
CA ILE D 246 -18.99 -28.90 -10.56
C ILE D 246 -18.94 -29.79 -9.34
N TYR D 247 -19.25 -29.28 -8.14
CA TYR D 247 -19.08 -30.07 -6.94
C TYR D 247 -20.41 -30.68 -6.51
N ASP D 248 -20.34 -31.82 -5.83
CA ASP D 248 -21.54 -32.49 -5.31
C ASP D 248 -21.81 -32.13 -3.87
N SER D 249 -20.86 -31.49 -3.19
CA SER D 249 -20.95 -31.25 -1.76
C SER D 249 -19.80 -30.33 -1.34
N ILE D 250 -19.91 -29.85 -0.11
CA ILE D 250 -18.99 -28.91 0.52
C ILE D 250 -18.57 -29.51 1.85
N ILE D 251 -17.29 -29.37 2.21
CA ILE D 251 -16.82 -29.67 3.55
C ILE D 251 -16.25 -28.37 4.09
N LYS D 252 -16.78 -27.90 5.23
CA LYS D 252 -16.26 -26.69 5.89
C LYS D 252 -15.22 -27.15 6.89
N VAL D 253 -14.10 -26.37 7.00
CA VAL D 253 -13.03 -26.70 7.92
C VAL D 253 -12.77 -25.49 8.81
N GLY D 254 -12.61 -25.74 10.12
CA GLY D 254 -12.25 -24.66 11.02
C GLY D 254 -10.77 -24.29 10.93
N ASN D 255 -10.47 -23.05 11.36
CA ASN D 255 -9.09 -22.58 11.42
C ASN D 255 -8.19 -23.55 12.19
N ASP D 256 -8.63 -24.00 13.38
CA ASP D 256 -7.72 -24.75 14.24
C ASP D 256 -7.57 -26.18 13.73
N THR D 257 -8.65 -26.77 13.22
CA THR D 257 -8.62 -28.10 12.62
C THR D 257 -7.59 -28.18 11.50
N ALA D 258 -7.63 -27.19 10.60
CA ALA D 258 -6.69 -27.15 9.47
C ALA D 258 -5.24 -26.99 9.93
N MET D 259 -4.95 -26.00 10.79
CA MET D 259 -3.63 -25.88 11.39
C MET D 259 -3.15 -27.19 12.03
N GLU D 260 -4.00 -27.83 12.83
CA GLU D 260 -3.56 -29.04 13.55
C GLU D 260 -3.24 -30.19 12.58
N MET D 261 -3.93 -30.25 11.44
CA MET D 261 -3.66 -31.32 10.47
C MET D 261 -2.37 -31.02 9.70
N SER D 262 -2.12 -29.76 9.34
CA SER D 262 -0.81 -29.44 8.73
C SER D 262 0.33 -29.86 9.61
N ARG D 263 0.23 -29.60 10.92
CA ARG D 263 1.31 -30.02 11.80
C ARG D 263 1.48 -31.54 11.80
N ARG D 264 0.37 -32.29 11.86
CA ARG D 264 0.44 -33.74 11.87
C ARG D 264 1.12 -34.24 10.59
N VAL D 265 0.72 -33.66 9.45
CA VAL D 265 1.21 -34.14 8.16
C VAL D 265 2.71 -33.87 8.02
N ALA D 266 3.18 -32.72 8.51
CA ALA D 266 4.61 -32.45 8.48
C ALA D 266 5.38 -33.43 9.36
N LYS D 267 4.87 -33.71 10.57
CA LYS D 267 5.62 -34.57 11.48
C LYS D 267 5.48 -36.05 11.12
N GLU D 268 4.30 -36.47 10.67
CA GLU D 268 4.03 -37.89 10.51
C GLU D 268 4.16 -38.39 9.07
N GLU D 269 4.06 -37.48 8.08
CA GLU D 269 4.32 -37.85 6.69
C GLU D 269 5.61 -37.22 6.16
N GLY D 270 6.15 -36.20 6.81
CA GLY D 270 7.29 -35.52 6.22
C GLY D 270 6.89 -34.60 5.09
N ILE D 271 5.64 -34.18 5.05
CA ILE D 271 5.12 -33.30 4.02
C ILE D 271 4.76 -31.98 4.66
N LEU D 272 5.56 -30.96 4.37
CA LEU D 272 5.47 -29.64 5.03
C LEU D 272 4.70 -28.67 4.12
N ALA D 273 3.42 -28.47 4.42
CA ALA D 273 2.54 -27.69 3.55
C ALA D 273 1.82 -26.60 4.35
N GLY D 274 1.14 -25.70 3.63
CA GLY D 274 0.47 -24.53 4.21
C GLY D 274 -0.88 -24.87 4.86
N ILE D 275 -1.51 -23.84 5.44
CA ILE D 275 -2.75 -24.12 6.19
C ILE D 275 -3.85 -24.61 5.28
N SER D 276 -3.93 -24.08 4.05
CA SER D 276 -5.00 -24.56 3.15
C SER D 276 -4.75 -26.04 2.81
N SER D 277 -3.49 -26.48 2.80
CA SER D 277 -3.21 -27.91 2.59
C SER D 277 -3.71 -28.77 3.77
N GLY D 278 -3.56 -28.27 4.99
CA GLY D 278 -4.12 -28.98 6.15
C GLY D 278 -5.62 -29.10 6.05
N ALA D 279 -6.29 -28.03 5.60
CA ALA D 279 -7.74 -28.07 5.36
C ALA D 279 -8.10 -29.15 4.37
N ALA D 280 -7.35 -29.23 3.24
CA ALA D 280 -7.67 -30.20 2.21
C ALA D 280 -7.45 -31.62 2.71
N ILE D 281 -6.39 -31.85 3.44
CA ILE D 281 -6.14 -33.20 3.93
C ILE D 281 -7.14 -33.57 5.02
N TYR D 282 -7.45 -32.65 5.93
CA TYR D 282 -8.48 -32.99 6.93
C TYR D 282 -9.80 -33.36 6.25
N ALA D 283 -10.23 -32.57 5.27
CA ALA D 283 -11.44 -32.92 4.55
C ALA D 283 -11.29 -34.24 3.80
N ALA D 284 -10.14 -34.46 3.17
CA ALA D 284 -9.98 -35.69 2.41
C ALA D 284 -10.06 -36.92 3.32
N ILE D 285 -9.55 -36.78 4.55
CA ILE D 285 -9.58 -37.91 5.47
C ILE D 285 -11.01 -38.19 5.89
N GLN D 286 -11.78 -37.11 6.11
CA GLN D 286 -13.21 -37.27 6.42
C GLN D 286 -13.92 -38.04 5.33
N LYS D 287 -13.70 -37.64 4.07
CA LYS D 287 -14.31 -38.34 2.94
C LYS D 287 -13.80 -39.78 2.82
N ALA D 288 -12.53 -40.01 3.10
CA ALA D 288 -11.99 -41.36 2.98
C ALA D 288 -12.58 -42.28 4.06
N LYS D 289 -12.93 -41.72 5.21
CA LYS D 289 -13.56 -42.54 6.25
C LYS D 289 -14.96 -42.95 5.80
N GLU D 290 -15.72 -42.04 5.19
CA GLU D 290 -17.04 -42.49 4.76
C GLU D 290 -16.99 -43.40 3.54
N LEU D 291 -15.98 -43.28 2.68
CA LEU D 291 -15.97 -44.14 1.50
C LEU D 291 -15.44 -45.54 1.79
N GLY D 292 -14.49 -45.67 2.72
CA GLY D 292 -14.03 -46.97 3.17
C GLY D 292 -12.97 -47.61 2.30
N LYS D 293 -12.40 -48.71 2.82
CA LYS D 293 -11.29 -49.40 2.16
C LYS D 293 -11.64 -49.77 0.72
N GLY D 294 -10.61 -49.80 -0.12
CA GLY D 294 -10.76 -50.08 -1.54
C GLY D 294 -11.05 -48.87 -2.40
N LYS D 295 -11.45 -47.76 -1.82
CA LYS D 295 -11.72 -46.56 -2.60
C LYS D 295 -10.49 -45.64 -2.61
N THR D 296 -10.58 -44.62 -3.45
CA THR D 296 -9.46 -43.72 -3.74
C THR D 296 -9.93 -42.28 -3.67
N VAL D 297 -9.21 -41.49 -2.88
CA VAL D 297 -9.51 -40.08 -2.65
C VAL D 297 -8.27 -39.26 -3.05
N VAL D 298 -8.47 -38.19 -3.82
CA VAL D 298 -7.36 -37.32 -4.26
C VAL D 298 -7.62 -35.87 -3.86
N THR D 299 -6.58 -35.15 -3.41
CA THR D 299 -6.72 -33.74 -3.21
C THR D 299 -5.40 -33.08 -3.63
N VAL D 300 -5.40 -31.74 -3.53
CA VAL D 300 -4.29 -30.88 -3.95
C VAL D 300 -3.74 -30.13 -2.74
N LEU D 301 -2.40 -30.08 -2.61
CA LEU D 301 -1.75 -29.23 -1.62
C LEU D 301 -1.23 -27.95 -2.30
N PRO D 302 -1.80 -26.78 -2.07
CA PRO D 302 -1.46 -25.64 -2.95
C PRO D 302 -0.12 -25.00 -2.70
N SER D 303 0.45 -25.10 -1.49
CA SER D 303 1.60 -24.26 -1.14
C SER D 303 2.40 -24.88 0.01
N ASN D 304 3.67 -24.45 0.21
CA ASN D 304 4.61 -25.15 1.12
C ASN D 304 4.63 -24.51 2.50
N GLY D 305 4.81 -25.33 3.53
CA GLY D 305 4.81 -24.79 4.91
C GLY D 305 5.88 -23.72 5.17
N GLU D 306 6.95 -23.71 4.37
CA GLU D 306 8.00 -22.73 4.60
C GLU D 306 7.58 -21.30 4.35
N ARG D 307 6.47 -21.10 3.64
CA ARG D 307 5.93 -19.78 3.38
C ARG D 307 5.03 -19.33 4.55
N TYR D 308 4.90 -20.16 5.63
CA TYR D 308 4.01 -19.86 6.75
C TYR D 308 4.70 -19.91 8.10
N LEU D 309 6.04 -19.89 8.15
CA LEU D 309 6.83 -19.94 9.39
C LEU D 309 6.60 -18.77 10.31
N SER D 310 6.11 -17.66 9.81
CA SER D 310 5.80 -16.48 10.62
C SER D 310 4.35 -16.41 11.10
N THR D 311 3.50 -17.39 10.76
CA THR D 311 2.10 -17.45 11.18
C THR D 311 1.98 -18.37 12.38
N PRO D 312 0.82 -18.45 13.05
CA PRO D 312 0.68 -19.49 14.09
C PRO D 312 0.86 -20.90 13.59
N LEU D 313 0.89 -21.12 12.27
CA LEU D 313 0.86 -22.47 11.76
C LEU D 313 1.96 -23.34 12.37
N TYR D 314 3.19 -22.87 12.29
CA TYR D 314 4.32 -23.65 12.77
C TYR D 314 5.02 -22.93 13.91
N SER D 315 4.25 -22.16 14.66
CA SER D 315 4.84 -21.43 15.78
C SER D 315 4.66 -22.22 17.08
N ASP E 7 -8.11 -9.79 5.93
CA ASP E 7 -8.96 -10.10 4.77
C ASP E 7 -8.41 -11.29 4.00
N TYR E 8 -9.02 -11.64 2.86
CA TYR E 8 -8.56 -12.81 2.12
C TYR E 8 -7.15 -12.56 1.54
N ILE E 9 -6.40 -13.64 1.47
CA ILE E 9 -4.99 -13.64 1.02
C ILE E 9 -4.92 -14.61 -0.16
N ILE E 10 -5.19 -14.11 -1.36
CA ILE E 10 -5.31 -15.01 -2.54
C ILE E 10 -4.48 -14.45 -3.66
N ASP F 7 8.40 32.35 19.45
CA ASP F 7 9.32 31.42 18.85
C ASP F 7 8.61 30.83 17.60
N TYR F 8 9.04 29.67 17.09
CA TYR F 8 8.51 29.28 15.79
C TYR F 8 7.13 28.62 15.91
N ILE F 9 6.42 28.62 14.79
CA ILE F 9 5.01 28.23 14.74
C ILE F 9 4.93 27.21 13.61
N ILE F 10 5.14 25.93 13.93
CA ILE F 10 5.28 24.91 12.92
C ILE F 10 4.39 23.73 13.34
N ASP G 7 -29.15 39.66 12.77
CA ASP G 7 -30.07 39.35 11.67
C ASP G 7 -29.49 38.23 10.77
N TYR G 8 -30.08 37.95 9.61
CA TYR G 8 -29.57 36.80 8.85
C TYR G 8 -28.20 37.10 8.22
N ILE G 9 -27.48 36.00 7.99
CA ILE G 9 -26.06 36.08 7.62
C ILE G 9 -25.86 35.19 6.41
N ILE G 10 -26.12 35.74 5.25
CA ILE G 10 -26.19 34.97 4.01
C ILE G 10 -25.34 35.65 2.97
N ASP H 7 29.00 -18.31 12.45
CA ASP H 7 30.01 -19.28 12.00
C ASP H 7 29.47 -19.90 10.69
N TYR H 8 30.06 -21.01 10.16
CA TYR H 8 29.58 -21.51 8.86
C TYR H 8 28.19 -22.18 9.00
N ILE H 9 27.45 -22.22 7.90
CA ILE H 9 26.01 -22.52 7.93
C ILE H 9 25.83 -23.60 6.85
N ILE H 10 26.01 -24.86 7.23
CA ILE H 10 26.05 -26.00 6.30
C ILE H 10 25.15 -27.09 6.86
#